data_2P53
#
_entry.id   2P53
#
_cell.length_a   81.399
_cell.length_b   81.399
_cell.length_c   206.452
_cell.angle_alpha   90.00
_cell.angle_beta   90.00
_cell.angle_gamma   120.00
#
_symmetry.space_group_name_H-M   'P 31 2 1'
#
loop_
_entity.id
_entity.type
_entity.pdbx_description
1 polymer 'N-acetylglucosamine-6-phosphate deacetylase'
2 non-polymer 'ZINC ION'
3 non-polymer 2-deoxy-2-{[(S)-hydroxy(methyl)phosphoryl]amino}-6-O-phosphono-alpha-D-glucopyranose
4 water water
#
_entity_poly.entity_id   1
_entity_poly.type   'polypeptide(L)'
_entity_poly.pdbx_seq_one_letter_code
;MYALTQGRIFTGHEFLDDHAVVIADGLIKSVCPVAELPPEIEQRSLNGAILSPGFIDVQLNGCGGVQFNDTAEAVSVETL
EIMQKANEKSGCTNYLPTLITTSDELMKQGVRVMREYLAKHPNQALGLHLEGPWLNLVKKGTHNPNFVRKPDAALVDFLC
ENADVITKVTLAPEMVPAEVISKLANAGIVVSAGHSNATLKEAKAGFRAGITFATHLYNAMPYITGREPGLAGAILDEAD
IYCGIIADGLHVDYANIRNAKRLKGDKLCLVTNATAPAGANIEQFIFAGKTIYYRNGLCVDENGTLSGSSLTMIEGVRNL
VEHCGIALDEVLRMATLYPARAIGVEKRLGTLAAGKVANLTAFTPDFKITKTIVNGNEVVTQ
;
_entity_poly.pdbx_strand_id   A,B
#
# COMPACT_ATOMS: atom_id res chain seq x y z
N MET A 1 -17.85 29.44 34.11
CA MET A 1 -17.14 28.18 33.74
C MET A 1 -17.83 26.97 34.36
N TYR A 2 -17.51 25.79 33.83
CA TYR A 2 -18.08 24.54 34.32
C TYR A 2 -17.13 23.41 33.99
N ALA A 3 -17.38 22.23 34.55
CA ALA A 3 -16.51 21.10 34.30
C ALA A 3 -17.27 19.86 33.83
N LEU A 4 -16.67 19.14 32.89
CA LEU A 4 -17.24 17.90 32.36
C LEU A 4 -16.51 16.80 33.12
N THR A 5 -17.28 15.89 33.72
CA THR A 5 -16.68 14.81 34.51
C THR A 5 -17.39 13.47 34.33
N GLN A 6 -16.82 12.45 34.98
CA GLN A 6 -17.36 11.10 34.97
C GLN A 6 -17.43 10.46 33.58
N GLY A 7 -16.29 10.44 32.90
CA GLY A 7 -16.25 9.84 31.57
C GLY A 7 -14.81 9.63 31.15
N ARG A 8 -14.60 8.88 30.07
CA ARG A 8 -13.26 8.65 29.55
C ARG A 8 -12.98 9.85 28.67
N ILE A 9 -11.93 10.59 28.98
CA ILE A 9 -11.59 11.78 28.23
C ILE A 9 -10.41 11.59 27.25
N PHE A 10 -10.68 11.76 25.95
CA PHE A 10 -9.61 11.65 24.95
C PHE A 10 -9.08 13.03 24.62
N THR A 11 -7.80 13.26 24.89
CA THR A 11 -7.19 14.57 24.65
C THR A 11 -6.57 14.71 23.28
N GLY A 12 -6.37 13.58 22.60
CA GLY A 12 -5.75 13.58 21.30
C GLY A 12 -4.42 12.85 21.41
N HIS A 13 -3.99 12.65 22.65
CA HIS A 13 -2.73 11.95 22.94
C HIS A 13 -2.93 10.76 23.85
N GLU A 14 -3.99 10.77 24.62
CA GLU A 14 -4.25 9.67 25.53
C GLU A 14 -5.68 9.68 26.06
N PHE A 15 -6.10 8.56 26.64
CA PHE A 15 -7.41 8.45 27.24
C PHE A 15 -7.19 8.68 28.71
N LEU A 16 -8.03 9.52 29.32
CA LEU A 16 -7.89 9.81 30.73
C LEU A 16 -9.10 9.36 31.53
N ASP A 17 -8.84 8.75 32.68
CA ASP A 17 -9.88 8.29 33.59
C ASP A 17 -9.77 9.14 34.86
N ASP A 18 -10.91 9.41 35.50
CA ASP A 18 -10.93 10.21 36.73
C ASP A 18 -10.40 11.63 36.56
N HIS A 19 -10.62 12.21 35.37
CA HIS A 19 -10.19 13.57 35.11
C HIS A 19 -11.41 14.40 34.75
N ALA A 20 -11.18 15.68 34.50
CA ALA A 20 -12.26 16.58 34.16
C ALA A 20 -11.74 17.60 33.15
N VAL A 21 -12.66 18.12 32.35
CA VAL A 21 -12.31 19.15 31.38
C VAL A 21 -13.06 20.38 31.85
N VAL A 22 -12.30 21.42 32.20
CA VAL A 22 -12.90 22.66 32.67
C VAL A 22 -13.03 23.61 31.50
N ILE A 23 -14.25 24.12 31.31
CA ILE A 23 -14.53 25.03 30.19
C ILE A 23 -14.86 26.43 30.67
N ALA A 24 -14.15 27.41 30.13
CA ALA A 24 -14.35 28.80 30.51
C ALA A 24 -14.17 29.70 29.30
N ASP A 25 -15.08 30.65 29.14
CA ASP A 25 -15.05 31.61 28.05
C ASP A 25 -14.82 30.96 26.69
N GLY A 26 -15.64 29.96 26.37
CA GLY A 26 -15.52 29.28 25.09
C GLY A 26 -14.21 28.55 24.84
N LEU A 27 -13.38 28.41 25.87
CA LEU A 27 -12.09 27.73 25.72
C LEU A 27 -11.96 26.61 26.75
N ILE A 28 -11.04 25.69 26.49
CA ILE A 28 -10.78 24.61 27.43
C ILE A 28 -9.74 25.19 28.38
N LYS A 29 -10.15 25.36 29.64
CA LYS A 29 -9.27 25.93 30.65
C LYS A 29 -8.25 24.92 31.16
N SER A 30 -8.70 23.70 31.43
CA SER A 30 -7.78 22.69 31.91
C SER A 30 -8.34 21.28 31.77
N VAL A 31 -7.42 20.32 31.82
CA VAL A 31 -7.77 18.91 31.73
C VAL A 31 -6.90 18.27 32.79
N CYS A 32 -7.43 18.12 33.99
CA CYS A 32 -6.65 17.56 35.08
C CYS A 32 -7.46 16.57 35.89
N PRO A 33 -6.81 15.89 36.86
CA PRO A 33 -7.51 14.93 37.70
C PRO A 33 -8.67 15.66 38.35
N VAL A 34 -9.76 14.94 38.60
CA VAL A 34 -10.94 15.55 39.19
C VAL A 34 -10.68 16.15 40.56
N ALA A 35 -9.54 15.80 41.16
CA ALA A 35 -9.18 16.31 42.49
C ALA A 35 -8.72 17.77 42.49
N GLU A 36 -8.33 18.26 41.33
CA GLU A 36 -7.86 19.65 41.23
C GLU A 36 -8.96 20.62 40.81
N LEU A 37 -10.19 20.13 40.66
CA LEU A 37 -11.29 20.99 40.25
C LEU A 37 -11.50 22.18 41.17
N PRO A 38 -11.75 23.37 40.60
CA PRO A 38 -11.97 24.58 41.40
C PRO A 38 -13.13 24.36 42.37
N PRO A 39 -13.03 24.94 43.58
CA PRO A 39 -14.10 24.78 44.57
C PRO A 39 -15.45 25.32 44.10
N GLU A 40 -16.48 24.49 44.25
CA GLU A 40 -17.85 24.86 43.89
C GLU A 40 -18.19 25.06 42.42
N ILE A 41 -17.32 24.65 41.50
CA ILE A 41 -17.65 24.84 40.10
C ILE A 41 -18.68 23.82 39.63
N GLU A 42 -19.54 24.23 38.70
CA GLU A 42 -20.58 23.36 38.18
C GLU A 42 -19.96 22.11 37.56
N GLN A 43 -20.53 20.95 37.88
CA GLN A 43 -20.03 19.68 37.35
C GLN A 43 -21.08 18.96 36.51
N ARG A 44 -20.82 18.84 35.20
CA ARG A 44 -21.75 18.17 34.31
C ARG A 44 -21.22 16.77 33.99
N SER A 45 -21.98 15.77 34.39
CA SER A 45 -21.60 14.38 34.18
C SER A 45 -21.72 13.92 32.73
N LEU A 46 -20.79 13.07 32.32
CA LEU A 46 -20.76 12.51 30.97
C LEU A 46 -21.47 11.16 31.00
N ASN A 47 -21.89 10.74 32.20
CA ASN A 47 -22.60 9.48 32.38
C ASN A 47 -21.81 8.29 31.83
N GLY A 48 -20.48 8.38 31.91
CA GLY A 48 -19.65 7.29 31.43
C GLY A 48 -19.34 7.30 29.94
N ALA A 49 -19.73 8.36 29.24
CA ALA A 49 -19.48 8.47 27.82
C ALA A 49 -18.03 8.86 27.52
N ILE A 50 -17.64 8.72 26.26
CA ILE A 50 -16.29 9.09 25.82
C ILE A 50 -16.34 10.56 25.43
N LEU A 51 -15.37 11.35 25.87
CA LEU A 51 -15.34 12.78 25.56
C LEU A 51 -14.21 13.00 24.56
N SER A 52 -14.51 13.67 23.46
CA SER A 52 -13.50 13.90 22.43
C SER A 52 -13.53 15.30 21.82
N PRO A 53 -12.45 15.68 21.12
CA PRO A 53 -12.47 17.00 20.49
C PRO A 53 -13.59 16.86 19.45
N GLY A 54 -14.28 17.94 19.13
CA GLY A 54 -15.34 17.85 18.14
C GLY A 54 -14.76 17.41 16.80
N PHE A 55 -15.52 16.60 16.05
CA PHE A 55 -15.03 16.12 14.75
C PHE A 55 -14.95 17.24 13.72
N ILE A 56 -13.90 17.17 12.90
CA ILE A 56 -13.65 18.15 11.85
C ILE A 56 -13.69 17.46 10.49
N ASP A 57 -14.65 17.85 9.66
CA ASP A 57 -14.85 17.25 8.34
C ASP A 57 -14.33 18.20 7.26
N VAL A 58 -13.21 17.86 6.62
CA VAL A 58 -12.64 18.74 5.61
C VAL A 58 -13.19 18.62 4.19
N GLN A 59 -14.21 17.79 3.99
CA GLN A 59 -14.85 17.67 2.69
C GLN A 59 -16.33 17.35 2.87
N LEU A 60 -17.17 18.36 2.66
CA LEU A 60 -18.61 18.20 2.85
C LEU A 60 -19.35 19.13 1.89
N ASN A 61 -20.16 18.53 1.01
CA ASN A 61 -20.94 19.25 0.01
C ASN A 61 -22.32 19.66 0.52
N GLY A 62 -22.85 18.87 1.45
CA GLY A 62 -24.16 19.17 1.99
C GLY A 62 -24.56 18.16 3.06
N CYS A 63 -25.66 18.46 3.76
CA CYS A 63 -26.19 17.59 4.81
C CYS A 63 -27.43 18.26 5.40
N GLY A 64 -28.19 17.51 6.19
CA GLY A 64 -29.39 18.07 6.79
C GLY A 64 -30.45 18.45 5.78
N GLY A 65 -30.32 17.96 4.56
CA GLY A 65 -31.31 18.25 3.53
C GLY A 65 -30.95 19.39 2.60
N VAL A 66 -29.77 19.98 2.80
CA VAL A 66 -29.34 21.08 1.95
C VAL A 66 -27.97 20.84 1.34
N GLN A 67 -27.63 21.65 0.35
CA GLN A 67 -26.37 21.58 -0.37
C GLN A 67 -25.79 23.00 -0.50
N PHE A 68 -24.47 23.13 -0.36
CA PHE A 68 -23.83 24.42 -0.52
C PHE A 68 -23.24 24.35 -1.93
N ASN A 69 -24.12 24.10 -2.90
CA ASN A 69 -23.70 23.95 -4.30
C ASN A 69 -24.80 24.28 -5.31
N ASP A 70 -24.42 24.18 -6.59
CA ASP A 70 -25.33 24.38 -7.71
C ASP A 70 -25.95 25.73 -7.99
N THR A 71 -26.73 26.26 -7.06
CA THR A 71 -27.40 27.52 -7.29
C THR A 71 -27.00 28.69 -6.41
N ALA A 72 -27.31 29.89 -6.90
CA ALA A 72 -27.02 31.10 -6.17
C ALA A 72 -27.93 31.11 -4.94
N GLU A 73 -29.08 30.45 -5.04
CA GLU A 73 -30.01 30.40 -3.92
C GLU A 73 -29.44 29.57 -2.77
N ALA A 74 -28.92 28.39 -3.11
CA ALA A 74 -28.36 27.47 -2.11
C ALA A 74 -27.07 27.95 -1.46
N VAL A 75 -26.20 28.59 -2.23
CA VAL A 75 -24.94 29.07 -1.69
C VAL A 75 -25.19 30.28 -0.81
N SER A 76 -25.52 30.01 0.45
CA SER A 76 -25.84 31.07 1.41
C SER A 76 -25.35 30.80 2.82
N VAL A 77 -25.43 31.83 3.66
CA VAL A 77 -25.03 31.71 5.05
C VAL A 77 -26.01 30.78 5.76
N GLU A 78 -27.27 30.84 5.35
CA GLU A 78 -28.30 30.00 5.97
C GLU A 78 -28.00 28.52 5.76
N THR A 79 -27.59 28.16 4.55
CA THR A 79 -27.26 26.77 4.24
C THR A 79 -26.11 26.34 5.15
N LEU A 80 -25.10 27.19 5.25
CA LEU A 80 -23.96 26.93 6.09
C LEU A 80 -24.39 26.71 7.53
N GLU A 81 -25.36 27.51 7.99
CA GLU A 81 -25.84 27.40 9.36
C GLU A 81 -26.66 26.13 9.54
N ILE A 82 -27.39 25.73 8.50
CA ILE A 82 -28.18 24.52 8.57
C ILE A 82 -27.25 23.30 8.63
N MET A 83 -26.21 23.34 7.80
CA MET A 83 -25.24 22.25 7.73
C MET A 83 -24.48 22.09 9.05
N GLN A 84 -24.18 23.21 9.69
CA GLN A 84 -23.50 23.18 10.97
C GLN A 84 -24.36 22.50 12.04
N LYS A 85 -25.64 22.86 12.09
CA LYS A 85 -26.55 22.27 13.09
C LYS A 85 -26.71 20.76 12.89
N ALA A 86 -26.75 20.34 11.63
CA ALA A 86 -26.89 18.92 11.34
C ALA A 86 -25.61 18.18 11.73
N ASN A 87 -24.46 18.76 11.41
CA ASN A 87 -23.17 18.16 11.74
C ASN A 87 -23.04 17.88 13.23
N GLU A 88 -23.40 18.89 14.03
CA GLU A 88 -23.33 18.80 15.48
C GLU A 88 -24.05 17.57 16.00
N LYS A 89 -25.15 17.20 15.33
CA LYS A 89 -25.93 16.03 15.73
C LYS A 89 -25.16 14.72 15.56
N SER A 90 -24.12 14.74 14.73
CA SER A 90 -23.31 13.55 14.53
C SER A 90 -21.88 13.80 15.06
N GLY A 91 -21.78 14.68 16.05
CA GLY A 91 -20.50 14.99 16.69
C GLY A 91 -19.52 15.90 15.96
N CYS A 92 -19.88 16.34 14.77
CA CYS A 92 -19.01 17.20 13.99
C CYS A 92 -19.25 18.67 14.29
N THR A 93 -18.26 19.33 14.90
CA THR A 93 -18.36 20.74 15.27
C THR A 93 -17.72 21.68 14.27
N ASN A 94 -16.88 21.13 13.39
CA ASN A 94 -16.21 21.94 12.38
C ASN A 94 -16.18 21.23 11.02
N TYR A 95 -16.25 22.02 9.96
CA TYR A 95 -16.20 21.47 8.63
C TYR A 95 -15.82 22.52 7.60
N LEU A 96 -15.55 22.07 6.39
CA LEU A 96 -15.18 22.95 5.30
C LEU A 96 -16.29 22.85 4.24
N PRO A 97 -17.12 23.91 4.11
CA PRO A 97 -18.17 23.81 3.09
C PRO A 97 -17.49 23.61 1.75
N THR A 98 -17.86 22.55 1.04
CA THR A 98 -17.23 22.23 -0.23
C THR A 98 -18.08 22.57 -1.46
N LEU A 99 -17.65 23.59 -2.17
CA LEU A 99 -18.34 24.07 -3.37
C LEU A 99 -17.64 23.47 -4.57
N ILE A 100 -18.36 22.65 -5.34
CA ILE A 100 -17.74 22.01 -6.48
C ILE A 100 -17.92 22.72 -7.81
N THR A 101 -17.10 22.29 -8.77
CA THR A 101 -17.07 22.78 -10.14
C THR A 101 -18.32 23.52 -10.57
N THR A 102 -18.22 24.84 -10.62
CA THR A 102 -19.34 25.69 -11.01
C THR A 102 -18.77 26.92 -11.73
N SER A 103 -19.57 27.96 -11.88
CA SER A 103 -19.16 29.18 -12.58
C SER A 103 -18.33 30.15 -11.74
N ASP A 104 -17.63 31.07 -12.42
CA ASP A 104 -16.82 32.08 -11.76
C ASP A 104 -17.72 32.86 -10.81
N GLU A 105 -18.92 33.16 -11.27
CA GLU A 105 -19.90 33.91 -10.48
C GLU A 105 -20.22 33.27 -9.14
N LEU A 106 -20.67 32.02 -9.18
CA LEU A 106 -21.02 31.29 -7.97
C LEU A 106 -19.83 31.13 -7.02
N MET A 107 -18.63 30.94 -7.58
CA MET A 107 -17.44 30.79 -6.75
C MET A 107 -17.20 32.05 -5.94
N LYS A 108 -17.25 33.20 -6.61
CA LYS A 108 -17.03 34.47 -5.94
C LYS A 108 -18.11 34.70 -4.89
N GLN A 109 -19.34 34.28 -5.19
CA GLN A 109 -20.42 34.42 -4.23
C GLN A 109 -20.11 33.55 -3.02
N GLY A 110 -19.54 32.38 -3.29
CA GLY A 110 -19.19 31.46 -2.21
C GLY A 110 -18.19 32.13 -1.30
N VAL A 111 -17.24 32.85 -1.90
CA VAL A 111 -16.22 33.55 -1.14
C VAL A 111 -16.85 34.63 -0.26
N ARG A 112 -17.80 35.39 -0.81
CA ARG A 112 -18.46 36.45 -0.05
C ARG A 112 -19.31 35.86 1.07
N VAL A 113 -20.06 34.80 0.75
CA VAL A 113 -20.91 34.16 1.76
C VAL A 113 -20.07 33.56 2.89
N MET A 114 -18.91 33.00 2.56
CA MET A 114 -18.04 32.40 3.57
C MET A 114 -17.55 33.49 4.50
N ARG A 115 -17.05 34.57 3.91
CA ARG A 115 -16.54 35.71 4.66
C ARG A 115 -17.64 36.24 5.57
N GLU A 116 -18.86 36.30 5.04
CA GLU A 116 -20.00 36.77 5.79
C GLU A 116 -20.36 35.85 6.94
N TYR A 117 -20.24 34.54 6.71
CA TYR A 117 -20.54 33.55 7.74
C TYR A 117 -19.47 33.61 8.84
N LEU A 118 -18.20 33.77 8.42
CA LEU A 118 -17.08 33.84 9.35
C LEU A 118 -17.15 34.99 10.36
N ALA A 119 -17.62 36.15 9.92
CA ALA A 119 -17.72 37.29 10.82
C ALA A 119 -18.87 37.12 11.81
N LYS A 120 -19.71 36.12 11.54
CA LYS A 120 -20.88 35.85 12.37
C LYS A 120 -20.78 34.59 13.26
N HIS A 121 -20.11 33.55 12.76
CA HIS A 121 -19.97 32.30 13.51
C HIS A 121 -18.51 31.85 13.64
N PRO A 122 -17.88 32.15 14.79
CA PRO A 122 -16.49 31.73 14.94
C PRO A 122 -16.31 30.25 15.29
N ASN A 123 -15.21 29.66 14.84
CA ASN A 123 -14.87 28.27 15.14
C ASN A 123 -15.88 27.19 14.79
N GLN A 124 -16.56 27.34 13.65
CA GLN A 124 -17.52 26.36 13.20
C GLN A 124 -17.14 26.04 11.75
N ALA A 125 -17.89 26.53 10.77
CA ALA A 125 -17.51 26.30 9.37
C ALA A 125 -16.23 27.14 9.25
N LEU A 126 -15.10 26.45 9.14
CA LEU A 126 -13.79 27.10 9.09
C LEU A 126 -13.35 27.88 7.86
N GLY A 127 -13.84 27.50 6.69
CA GLY A 127 -13.45 28.19 5.47
C GLY A 127 -13.85 27.36 4.26
N LEU A 128 -13.71 27.93 3.06
CA LEU A 128 -14.09 27.23 1.84
C LEU A 128 -13.16 26.15 1.32
N HIS A 129 -13.78 25.13 0.73
CA HIS A 129 -13.07 24.04 0.08
C HIS A 129 -13.61 24.06 -1.37
N LEU A 130 -12.84 24.63 -2.28
CA LEU A 130 -13.26 24.69 -3.68
C LEU A 130 -12.75 23.45 -4.40
N GLU A 131 -13.64 22.52 -4.73
CA GLU A 131 -13.25 21.30 -5.42
C GLU A 131 -13.57 21.50 -6.90
N GLY A 132 -12.57 21.93 -7.65
CA GLY A 132 -12.75 22.19 -9.07
C GLY A 132 -12.52 23.67 -9.29
N PRO A 133 -12.67 24.18 -10.53
CA PRO A 133 -13.05 23.43 -11.72
C PRO A 133 -11.85 22.97 -12.56
N TRP A 134 -10.64 23.17 -12.02
CA TRP A 134 -9.43 22.80 -12.75
C TRP A 134 -9.10 21.32 -12.58
N LEU A 135 -10.02 20.47 -13.03
CA LEU A 135 -9.89 19.02 -12.92
C LEU A 135 -9.67 18.34 -14.26
N ASN A 136 -9.55 17.01 -14.22
CA ASN A 136 -9.37 16.24 -15.45
C ASN A 136 -10.70 15.59 -15.77
N LEU A 137 -11.21 15.81 -16.99
CA LEU A 137 -12.49 15.25 -17.40
C LEU A 137 -12.51 13.73 -17.24
N VAL A 138 -11.36 13.09 -17.43
CA VAL A 138 -11.30 11.63 -17.29
C VAL A 138 -11.74 11.22 -15.89
N LYS A 139 -11.46 12.08 -14.91
CA LYS A 139 -11.82 11.80 -13.52
C LYS A 139 -12.75 12.86 -12.93
N LYS A 140 -13.76 13.27 -13.70
CA LYS A 140 -14.69 14.30 -13.24
C LYS A 140 -15.69 13.72 -12.27
N GLY A 141 -15.82 12.40 -12.27
CA GLY A 141 -16.78 11.77 -11.39
C GLY A 141 -18.16 12.33 -11.71
N THR A 142 -18.85 12.81 -10.69
CA THR A 142 -20.19 13.35 -10.88
C THR A 142 -20.23 14.83 -11.28
N HIS A 143 -19.07 15.48 -11.35
CA HIS A 143 -19.03 16.90 -11.72
C HIS A 143 -19.59 17.18 -13.11
N ASN A 144 -20.24 18.34 -13.24
CA ASN A 144 -20.81 18.77 -14.51
C ASN A 144 -19.63 19.04 -15.45
N PRO A 145 -19.49 18.25 -16.53
CA PRO A 145 -18.39 18.44 -17.48
C PRO A 145 -18.32 19.81 -18.14
N ASN A 146 -19.47 20.44 -18.33
CA ASN A 146 -19.52 21.75 -18.98
C ASN A 146 -18.77 22.84 -18.22
N PHE A 147 -18.54 22.61 -16.92
CA PHE A 147 -17.82 23.60 -16.10
C PHE A 147 -16.35 23.27 -15.87
N VAL A 148 -15.96 22.02 -16.09
CA VAL A 148 -14.57 21.66 -15.92
C VAL A 148 -13.81 22.48 -16.95
N ARG A 149 -12.87 23.30 -16.49
CA ARG A 149 -12.12 24.17 -17.39
C ARG A 149 -10.71 24.44 -16.91
N LYS A 150 -9.93 25.10 -17.76
CA LYS A 150 -8.54 25.44 -17.44
C LYS A 150 -8.51 26.63 -16.49
N PRO A 151 -7.41 26.81 -15.74
CA PRO A 151 -7.25 27.91 -14.79
C PRO A 151 -6.91 29.28 -15.39
N ASP A 152 -7.82 30.24 -15.23
CA ASP A 152 -7.59 31.59 -15.73
C ASP A 152 -6.77 32.37 -14.70
N ALA A 153 -5.70 32.99 -15.16
CA ALA A 153 -4.83 33.76 -14.27
C ALA A 153 -5.61 34.71 -13.36
N ALA A 154 -6.71 35.25 -13.87
CA ALA A 154 -7.54 36.17 -13.10
C ALA A 154 -8.27 35.48 -11.95
N LEU A 155 -8.96 34.38 -12.25
CA LEU A 155 -9.69 33.64 -11.23
C LEU A 155 -8.70 33.22 -10.15
N VAL A 156 -7.54 32.73 -10.57
CA VAL A 156 -6.49 32.30 -9.66
C VAL A 156 -6.08 33.44 -8.72
N ASP A 157 -5.80 34.60 -9.29
CA ASP A 157 -5.40 35.77 -8.51
C ASP A 157 -6.50 36.16 -7.51
N PHE A 158 -7.75 36.02 -7.93
CA PHE A 158 -8.87 36.33 -7.06
C PHE A 158 -8.82 35.44 -5.82
N LEU A 159 -8.71 34.14 -6.03
CA LEU A 159 -8.66 33.19 -4.91
C LEU A 159 -7.53 33.55 -3.95
N CYS A 160 -6.39 33.95 -4.51
CA CYS A 160 -5.24 34.33 -3.69
C CYS A 160 -5.57 35.54 -2.81
N GLU A 161 -6.22 36.55 -3.40
CA GLU A 161 -6.61 37.75 -2.69
C GLU A 161 -7.61 37.48 -1.58
N ASN A 162 -8.36 36.38 -1.72
CA ASN A 162 -9.37 36.00 -0.73
C ASN A 162 -8.97 34.73 0.02
N ALA A 163 -7.67 34.51 0.13
CA ALA A 163 -7.14 33.33 0.81
C ALA A 163 -7.57 33.23 2.27
N ASP A 164 -7.88 34.37 2.88
CA ASP A 164 -8.29 34.39 4.28
C ASP A 164 -9.60 33.64 4.56
N VAL A 165 -10.39 33.37 3.53
CA VAL A 165 -11.64 32.65 3.75
C VAL A 165 -11.68 31.39 2.91
N ILE A 166 -10.56 31.06 2.28
CA ILE A 166 -10.44 29.87 1.46
C ILE A 166 -9.42 28.94 2.09
N THR A 167 -9.90 27.88 2.73
CA THR A 167 -9.03 26.91 3.38
C THR A 167 -8.37 25.96 2.38
N LYS A 168 -9.12 25.53 1.37
CA LYS A 168 -8.58 24.57 0.42
C LYS A 168 -9.14 24.61 -0.99
N VAL A 169 -8.27 24.28 -1.95
CA VAL A 169 -8.66 24.21 -3.35
C VAL A 169 -8.20 22.83 -3.86
N THR A 170 -9.12 22.05 -4.40
CA THR A 170 -8.74 20.76 -4.94
C THR A 170 -8.63 20.90 -6.45
N LEU A 171 -7.51 20.45 -7.00
CA LEU A 171 -7.29 20.51 -8.44
C LEU A 171 -6.46 19.34 -8.95
N ALA A 172 -6.51 19.14 -10.27
CA ALA A 172 -5.75 18.08 -10.91
C ALA A 172 -4.40 18.69 -11.27
N PRO A 173 -3.33 18.25 -10.60
CA PRO A 173 -1.98 18.77 -10.87
C PRO A 173 -1.50 18.71 -12.32
N GLU A 174 -1.96 17.72 -13.07
CA GLU A 174 -1.53 17.60 -14.48
C GLU A 174 -2.31 18.53 -15.41
N MET A 175 -3.33 19.19 -14.89
CA MET A 175 -4.16 20.10 -15.68
C MET A 175 -3.87 21.56 -15.36
N VAL A 176 -2.85 21.80 -14.54
CA VAL A 176 -2.54 23.14 -14.13
C VAL A 176 -1.05 23.46 -14.08
N PRO A 177 -0.67 24.69 -14.48
CA PRO A 177 0.74 25.07 -14.45
C PRO A 177 1.21 25.00 -13.00
N ALA A 178 2.45 24.58 -12.79
CA ALA A 178 3.00 24.48 -11.43
C ALA A 178 2.85 25.79 -10.67
N GLU A 179 2.93 26.90 -11.40
CA GLU A 179 2.81 28.24 -10.83
C GLU A 179 1.47 28.52 -10.15
N VAL A 180 0.40 27.97 -10.70
CA VAL A 180 -0.91 28.16 -10.10
C VAL A 180 -0.89 27.51 -8.72
N ILE A 181 -0.33 26.32 -8.65
CA ILE A 181 -0.23 25.61 -7.39
C ILE A 181 0.60 26.41 -6.41
N SER A 182 1.77 26.85 -6.86
CA SER A 182 2.66 27.62 -6.02
C SER A 182 2.05 28.93 -5.52
N LYS A 183 1.34 29.64 -6.39
CA LYS A 183 0.71 30.90 -5.99
C LYS A 183 -0.26 30.64 -4.83
N LEU A 184 -1.19 29.72 -5.04
CA LEU A 184 -2.20 29.38 -4.03
C LEU A 184 -1.58 28.93 -2.71
N ALA A 185 -0.58 28.06 -2.77
CA ALA A 185 0.06 27.57 -1.56
C ALA A 185 0.74 28.72 -0.81
N ASN A 186 1.49 29.53 -1.54
CA ASN A 186 2.18 30.66 -0.94
C ASN A 186 1.21 31.69 -0.39
N ALA A 187 -0.04 31.63 -0.84
CA ALA A 187 -1.05 32.55 -0.35
C ALA A 187 -1.67 32.01 0.94
N GLY A 188 -1.25 30.81 1.33
CA GLY A 188 -1.77 30.20 2.55
C GLY A 188 -2.87 29.17 2.32
N ILE A 189 -3.30 29.03 1.08
CA ILE A 189 -4.35 28.08 0.73
C ILE A 189 -3.81 26.66 0.57
N VAL A 190 -4.48 25.69 1.19
CA VAL A 190 -4.04 24.31 1.07
C VAL A 190 -4.44 23.80 -0.31
N VAL A 191 -3.46 23.37 -1.08
CA VAL A 191 -3.72 22.86 -2.43
C VAL A 191 -3.75 21.34 -2.39
N SER A 192 -4.88 20.78 -2.77
CA SER A 192 -5.07 19.35 -2.77
C SER A 192 -5.26 18.75 -4.16
N ALA A 193 -4.70 17.57 -4.36
CA ALA A 193 -4.83 16.87 -5.63
C ALA A 193 -6.10 16.03 -5.59
N GLY A 194 -6.94 16.17 -6.62
CA GLY A 194 -8.18 15.42 -6.68
C GLY A 194 -8.78 15.44 -8.08
N HIS A 195 -9.64 14.46 -8.38
CA HIS A 195 -10.26 14.37 -9.70
C HIS A 195 -9.18 14.59 -10.73
N SER A 196 -8.18 13.72 -10.63
CA SER A 196 -6.99 13.75 -11.45
C SER A 196 -6.67 12.38 -12.03
N ASN A 197 -6.04 12.39 -13.21
CA ASN A 197 -5.64 11.15 -13.86
C ASN A 197 -4.13 11.19 -13.93
N ALA A 198 -3.53 11.90 -12.97
CA ALA A 198 -2.09 12.06 -12.91
C ALA A 198 -1.32 10.77 -12.73
N THR A 199 -0.18 10.68 -13.42
CA THR A 199 0.71 9.55 -13.32
C THR A 199 1.53 9.85 -12.05
N LEU A 200 2.29 8.88 -11.56
CA LEU A 200 3.08 9.13 -10.36
C LEU A 200 4.03 10.31 -10.58
N LYS A 201 4.60 10.38 -11.77
CA LYS A 201 5.51 11.45 -12.12
C LYS A 201 4.83 12.82 -12.03
N GLU A 202 3.65 12.94 -12.63
CA GLU A 202 2.90 14.19 -12.61
C GLU A 202 2.44 14.57 -11.19
N ALA A 203 2.19 13.55 -10.37
CA ALA A 203 1.76 13.79 -8.99
C ALA A 203 2.91 14.37 -8.18
N LYS A 204 4.10 13.76 -8.29
CA LYS A 204 5.27 14.27 -7.56
C LYS A 204 5.56 15.72 -7.96
N ALA A 205 5.39 16.03 -9.24
CA ALA A 205 5.63 17.38 -9.73
C ALA A 205 4.65 18.30 -8.99
N GLY A 206 3.42 17.83 -8.81
CA GLY A 206 2.43 18.61 -8.11
C GLY A 206 2.82 18.86 -6.66
N PHE A 207 3.35 17.83 -5.99
CA PHE A 207 3.77 17.95 -4.60
C PHE A 207 4.92 18.95 -4.47
N ARG A 208 5.88 18.89 -5.39
CA ARG A 208 7.02 19.80 -5.36
C ARG A 208 6.59 21.24 -5.56
N ALA A 209 5.52 21.43 -6.34
CA ALA A 209 5.01 22.76 -6.61
C ALA A 209 4.27 23.36 -5.42
N GLY A 210 3.77 22.52 -4.51
CA GLY A 210 3.06 23.06 -3.36
C GLY A 210 1.89 22.26 -2.79
N ILE A 211 1.49 21.21 -3.49
CA ILE A 211 0.38 20.37 -3.01
C ILE A 211 0.79 19.65 -1.74
N THR A 212 -0.06 19.68 -0.72
CA THR A 212 0.24 19.01 0.55
C THR A 212 -0.91 18.12 1.02
N PHE A 213 -1.93 18.00 0.18
CA PHE A 213 -3.12 17.21 0.52
C PHE A 213 -3.66 16.49 -0.71
N ALA A 214 -4.52 15.50 -0.49
CA ALA A 214 -5.16 14.75 -1.55
C ALA A 214 -6.61 14.47 -1.15
N THR A 215 -7.51 14.74 -2.08
CA THR A 215 -8.94 14.60 -1.88
C THR A 215 -9.46 13.18 -2.11
N HIS A 216 -10.22 12.68 -1.13
CA HIS A 216 -10.79 11.34 -1.13
C HIS A 216 -9.99 10.31 -1.90
N LEU A 217 -8.91 9.86 -1.25
CA LEU A 217 -7.99 8.87 -1.78
C LEU A 217 -8.72 7.73 -2.49
N TYR A 218 -8.20 7.39 -3.67
CA TYR A 218 -8.74 6.33 -4.54
C TYR A 218 -9.87 6.85 -5.44
N ASN A 219 -10.79 7.61 -4.87
CA ASN A 219 -11.92 8.12 -5.65
C ASN A 219 -11.49 9.25 -6.60
N ALA A 220 -11.91 9.15 -7.86
CA ALA A 220 -11.58 10.13 -8.88
C ALA A 220 -10.07 10.23 -9.07
N MET A 221 -9.41 9.08 -8.97
CA MET A 221 -7.96 8.96 -9.16
C MET A 221 -7.73 7.71 -10.01
N PRO A 222 -6.54 7.57 -10.59
CA PRO A 222 -6.28 6.38 -11.40
C PRO A 222 -6.23 5.14 -10.51
N TYR A 223 -6.52 3.98 -11.07
CA TYR A 223 -6.40 2.78 -10.28
C TYR A 223 -4.90 2.59 -10.18
N ILE A 224 -4.45 1.59 -9.42
CA ILE A 224 -3.02 1.37 -9.28
C ILE A 224 -2.56 0.16 -10.08
N THR A 225 -1.60 0.35 -10.98
CA THR A 225 -1.08 -0.77 -11.75
C THR A 225 0.38 -0.95 -11.39
N GLY A 226 0.92 -2.12 -11.74
CA GLY A 226 2.30 -2.41 -11.43
C GLY A 226 3.32 -1.41 -11.91
N ARG A 227 3.20 -0.94 -13.15
CA ARG A 227 4.16 0.00 -13.68
C ARG A 227 3.75 1.47 -13.62
N GLU A 228 2.48 1.74 -13.28
CA GLU A 228 2.02 3.11 -13.15
C GLU A 228 1.22 3.23 -11.87
N PRO A 229 1.89 3.57 -10.75
CA PRO A 229 1.22 3.72 -9.46
C PRO A 229 0.14 4.77 -9.52
N GLY A 230 0.32 5.77 -10.39
CA GLY A 230 -0.65 6.84 -10.52
C GLY A 230 -0.69 7.71 -9.26
N LEU A 231 -1.59 8.69 -9.24
CA LEU A 231 -1.72 9.59 -8.10
C LEU A 231 -1.92 8.87 -6.76
N ALA A 232 -2.82 7.89 -6.72
CA ALA A 232 -3.07 7.17 -5.48
C ALA A 232 -1.77 6.55 -4.97
N GLY A 233 -1.03 5.93 -5.88
CA GLY A 233 0.24 5.31 -5.49
C GLY A 233 1.27 6.31 -4.98
N ALA A 234 1.38 7.44 -5.66
CA ALA A 234 2.34 8.47 -5.25
C ALA A 234 2.02 9.01 -3.85
N ILE A 235 0.73 9.17 -3.57
CA ILE A 235 0.28 9.68 -2.28
C ILE A 235 0.66 8.74 -1.14
N LEU A 236 0.46 7.44 -1.37
CA LEU A 236 0.77 6.42 -0.37
C LEU A 236 2.28 6.33 -0.12
N ASP A 237 3.06 6.63 -1.15
CA ASP A 237 4.51 6.56 -1.06
C ASP A 237 5.15 7.84 -0.47
N GLU A 238 4.44 8.96 -0.49
CA GLU A 238 4.97 10.21 0.04
C GLU A 238 4.44 10.48 1.46
N ALA A 239 5.29 10.28 2.45
CA ALA A 239 4.90 10.47 3.85
C ALA A 239 4.42 11.85 4.25
N ASP A 240 4.88 12.90 3.57
CA ASP A 240 4.47 14.27 3.92
C ASP A 240 3.07 14.65 3.50
N ILE A 241 2.51 13.93 2.54
CA ILE A 241 1.19 14.23 2.03
C ILE A 241 0.04 13.73 2.90
N TYR A 242 -0.83 14.66 3.29
CA TYR A 242 -2.02 14.35 4.07
C TYR A 242 -3.09 14.01 3.04
N CYS A 243 -4.09 13.22 3.43
CA CYS A 243 -5.16 12.91 2.50
C CYS A 243 -6.42 12.45 3.21
N GLY A 244 -7.56 12.68 2.57
CA GLY A 244 -8.84 12.29 3.16
C GLY A 244 -9.26 10.94 2.61
N ILE A 245 -10.11 10.25 3.37
CA ILE A 245 -10.61 8.94 2.96
C ILE A 245 -12.07 8.81 3.38
N ILE A 246 -12.93 8.40 2.45
CA ILE A 246 -14.35 8.25 2.73
C ILE A 246 -14.58 6.86 3.30
N ALA A 247 -14.87 6.78 4.60
CA ALA A 247 -15.06 5.51 5.27
C ALA A 247 -16.49 5.01 5.44
N ASP A 248 -17.22 4.88 4.35
CA ASP A 248 -18.59 4.41 4.41
C ASP A 248 -18.68 2.95 3.99
N GLY A 249 -17.55 2.39 3.56
CA GLY A 249 -17.55 1.01 3.11
C GLY A 249 -18.19 0.92 1.73
N LEU A 250 -18.57 2.06 1.19
CA LEU A 250 -19.21 2.14 -0.12
C LEU A 250 -18.28 2.69 -1.19
N HIS A 251 -17.60 3.80 -0.88
CA HIS A 251 -16.67 4.42 -1.82
C HIS A 251 -15.34 3.70 -1.95
N VAL A 252 -14.87 3.10 -0.86
CA VAL A 252 -13.59 2.42 -0.85
C VAL A 252 -13.62 1.16 0.00
N ASP A 253 -13.13 0.06 -0.55
CA ASP A 253 -13.11 -1.21 0.15
C ASP A 253 -12.28 -1.03 1.43
N TYR A 254 -12.75 -1.60 2.53
CA TYR A 254 -12.04 -1.48 3.80
C TYR A 254 -10.61 -1.98 3.75
N ALA A 255 -10.31 -2.95 2.89
CA ALA A 255 -8.94 -3.45 2.80
C ALA A 255 -8.05 -2.35 2.25
N ASN A 256 -8.58 -1.54 1.33
CA ASN A 256 -7.77 -0.45 0.80
C ASN A 256 -7.60 0.61 1.87
N ILE A 257 -8.60 0.77 2.74
CA ILE A 257 -8.50 1.75 3.81
C ILE A 257 -7.44 1.31 4.82
N ARG A 258 -7.40 0.00 5.11
CA ARG A 258 -6.40 -0.53 6.04
C ARG A 258 -4.99 -0.39 5.47
N ASN A 259 -4.82 -0.66 4.18
CA ASN A 259 -3.50 -0.55 3.57
C ASN A 259 -3.06 0.91 3.58
N ALA A 260 -3.99 1.81 3.31
CA ALA A 260 -3.71 3.24 3.28
C ALA A 260 -3.31 3.76 4.66
N LYS A 261 -3.96 3.27 5.72
CA LYS A 261 -3.63 3.72 7.08
C LYS A 261 -2.23 3.27 7.49
N ARG A 262 -1.87 2.03 7.14
CA ARG A 262 -0.56 1.51 7.48
C ARG A 262 0.52 2.30 6.72
N LEU A 263 0.19 2.76 5.52
CA LEU A 263 1.15 3.51 4.72
C LEU A 263 1.19 5.02 5.00
N LYS A 264 0.04 5.58 5.38
CA LYS A 264 -0.04 7.02 5.63
C LYS A 264 0.21 7.42 7.09
N GLY A 265 0.09 6.46 8.00
CA GLY A 265 0.31 6.74 9.41
C GLY A 265 -0.59 7.83 9.95
N ASP A 266 0.02 8.89 10.50
CA ASP A 266 -0.76 9.99 11.06
C ASP A 266 -1.17 11.03 10.03
N LYS A 267 -1.10 10.67 8.75
CA LYS A 267 -1.46 11.59 7.69
C LYS A 267 -2.83 11.30 7.05
N LEU A 268 -3.48 10.22 7.48
CA LEU A 268 -4.78 9.86 6.92
C LEU A 268 -5.94 10.46 7.71
N CYS A 269 -6.71 11.32 7.05
CA CYS A 269 -7.86 11.99 7.67
C CYS A 269 -9.20 11.43 7.21
N LEU A 270 -10.13 11.29 8.16
CA LEU A 270 -11.46 10.80 7.87
C LEU A 270 -12.28 12.00 7.38
N VAL A 271 -12.98 11.81 6.26
CA VAL A 271 -13.85 12.84 5.71
C VAL A 271 -15.14 12.10 5.38
N THR A 272 -16.22 12.85 5.15
CA THR A 272 -17.49 12.23 4.81
C THR A 272 -17.78 12.39 3.33
N ASN A 273 -17.49 13.58 2.81
CA ASN A 273 -17.78 13.95 1.43
C ASN A 273 -19.28 13.72 1.29
N ALA A 274 -20.00 13.96 2.37
CA ALA A 274 -21.43 13.77 2.39
C ALA A 274 -22.18 14.81 1.58
N THR A 275 -23.47 14.55 1.40
CA THR A 275 -24.36 15.42 0.66
C THR A 275 -25.66 15.48 1.46
N ALA A 276 -26.59 16.30 1.00
CA ALA A 276 -27.89 16.52 1.64
C ALA A 276 -28.55 15.36 2.39
N PRO A 277 -28.53 14.13 1.84
CA PRO A 277 -29.16 13.01 2.55
C PRO A 277 -28.61 12.75 3.96
N ALA A 278 -27.36 13.11 4.21
CA ALA A 278 -26.74 12.90 5.51
C ALA A 278 -27.43 13.73 6.59
N GLY A 279 -27.73 13.08 7.71
CA GLY A 279 -28.38 13.79 8.80
C GLY A 279 -29.77 14.26 8.41
N ALA A 280 -30.36 13.61 7.42
CA ALA A 280 -31.70 13.96 6.95
C ALA A 280 -32.39 12.71 6.42
N ASN A 281 -33.59 12.88 5.88
CA ASN A 281 -34.32 11.74 5.35
C ASN A 281 -34.97 12.08 4.02
N ILE A 282 -34.17 12.05 2.95
CA ILE A 282 -34.66 12.36 1.61
C ILE A 282 -34.39 11.26 0.59
N GLU A 283 -35.17 11.27 -0.48
CA GLU A 283 -35.03 10.28 -1.54
C GLU A 283 -34.23 10.82 -2.72
N GLN A 284 -34.14 12.15 -2.82
CA GLN A 284 -33.40 12.76 -3.91
C GLN A 284 -33.09 14.23 -3.69
N PHE A 285 -32.17 14.76 -4.47
CA PHE A 285 -31.74 16.15 -4.38
C PHE A 285 -31.00 16.49 -5.65
N ILE A 286 -30.74 17.77 -5.85
CA ILE A 286 -30.03 18.22 -7.04
C ILE A 286 -28.55 18.46 -6.76
N PHE A 287 -27.70 17.99 -7.68
CA PHE A 287 -26.26 18.14 -7.51
C PHE A 287 -25.58 18.06 -8.87
N ALA A 288 -24.73 19.04 -9.17
CA ALA A 288 -24.02 19.10 -10.44
C ALA A 288 -25.03 19.19 -11.58
N GLY A 289 -26.11 19.92 -11.35
CA GLY A 289 -27.15 20.09 -12.35
C GLY A 289 -27.91 18.82 -12.71
N LYS A 290 -27.98 17.87 -11.79
CA LYS A 290 -28.67 16.62 -12.04
C LYS A 290 -29.47 16.16 -10.82
N THR A 291 -30.42 15.27 -11.04
CA THR A 291 -31.20 14.73 -9.96
C THR A 291 -30.44 13.54 -9.42
N ILE A 292 -30.17 13.54 -8.12
CA ILE A 292 -29.45 12.45 -7.49
C ILE A 292 -30.43 11.66 -6.66
N TYR A 293 -30.40 10.34 -6.78
CA TYR A 293 -31.32 9.50 -6.03
C TYR A 293 -30.59 8.72 -4.96
N TYR A 294 -31.27 8.48 -3.84
CA TYR A 294 -30.70 7.69 -2.77
C TYR A 294 -31.20 6.28 -3.04
N ARG A 295 -30.47 5.54 -3.88
CA ARG A 295 -30.87 4.20 -4.25
C ARG A 295 -29.92 3.14 -3.71
N ASN A 296 -30.50 2.08 -3.15
CA ASN A 296 -29.73 0.98 -2.58
C ASN A 296 -28.68 1.51 -1.61
N GLY A 297 -29.03 2.55 -0.88
CA GLY A 297 -28.13 3.14 0.10
C GLY A 297 -27.00 3.98 -0.50
N LEU A 298 -27.15 4.34 -1.77
CA LEU A 298 -26.13 5.14 -2.45
C LEU A 298 -26.69 6.43 -3.05
N CYS A 299 -25.82 7.42 -3.21
CA CYS A 299 -26.20 8.67 -3.83
C CYS A 299 -25.70 8.56 -5.26
N VAL A 300 -26.60 8.26 -6.19
CA VAL A 300 -26.23 8.10 -7.59
C VAL A 300 -27.16 8.86 -8.53
N ASP A 301 -26.63 9.32 -9.65
CA ASP A 301 -27.46 10.01 -10.64
C ASP A 301 -28.10 8.90 -11.46
N GLU A 302 -28.99 9.25 -12.38
CA GLU A 302 -29.67 8.24 -13.18
C GLU A 302 -28.78 7.24 -13.91
N ASN A 303 -27.49 7.57 -14.04
CA ASN A 303 -26.55 6.69 -14.73
C ASN A 303 -25.78 5.78 -13.78
N GLY A 304 -26.05 5.89 -12.48
CA GLY A 304 -25.37 5.06 -11.50
C GLY A 304 -24.07 5.63 -10.97
N THR A 305 -23.68 6.81 -11.43
CA THR A 305 -22.45 7.45 -10.98
C THR A 305 -22.57 7.92 -9.53
N LEU A 306 -21.71 7.39 -8.66
CA LEU A 306 -21.72 7.78 -7.26
C LEU A 306 -21.53 9.29 -7.23
N SER A 307 -22.35 9.98 -6.43
CA SER A 307 -22.30 11.44 -6.35
C SER A 307 -22.25 11.94 -4.92
N GLY A 308 -21.18 11.61 -4.21
CA GLY A 308 -21.06 12.01 -2.82
C GLY A 308 -21.59 10.88 -1.96
N SER A 309 -21.52 11.04 -0.65
CA SER A 309 -21.98 10.00 0.26
C SER A 309 -23.09 10.53 1.15
N SER A 310 -23.50 9.70 2.11
CA SER A 310 -24.52 10.07 3.08
C SER A 310 -23.97 9.75 4.47
N LEU A 311 -22.64 9.66 4.55
CA LEU A 311 -21.93 9.35 5.78
C LEU A 311 -21.86 10.53 6.75
N THR A 312 -21.81 10.23 8.05
CA THR A 312 -21.65 11.27 9.07
C THR A 312 -20.32 10.92 9.75
N MET A 313 -19.69 11.90 10.40
CA MET A 313 -18.41 11.65 11.04
C MET A 313 -18.46 10.58 12.12
N ILE A 314 -19.50 10.57 12.95
CA ILE A 314 -19.59 9.56 13.99
C ILE A 314 -19.75 8.16 13.39
N GLU A 315 -20.44 8.06 12.25
CA GLU A 315 -20.60 6.75 11.60
C GLU A 315 -19.27 6.33 11.01
N GLY A 316 -18.51 7.31 10.49
CA GLY A 316 -17.20 7.01 9.93
C GLY A 316 -16.23 6.52 10.99
N VAL A 317 -16.29 7.14 12.17
CA VAL A 317 -15.43 6.75 13.29
C VAL A 317 -15.70 5.29 13.60
N ARG A 318 -16.99 4.96 13.66
CA ARG A 318 -17.45 3.62 13.95
C ARG A 318 -16.97 2.61 12.91
N ASN A 319 -17.09 2.96 11.64
CA ASN A 319 -16.68 2.04 10.59
C ASN A 319 -15.17 1.78 10.65
N LEU A 320 -14.39 2.83 10.88
CA LEU A 320 -12.94 2.67 10.95
C LEU A 320 -12.55 1.73 12.11
N VAL A 321 -13.28 1.83 13.22
CA VAL A 321 -13.00 0.99 14.38
C VAL A 321 -13.43 -0.45 14.17
N GLU A 322 -14.68 -0.64 13.74
CA GLU A 322 -15.23 -1.97 13.55
C GLU A 322 -14.77 -2.77 12.32
N HIS A 323 -14.52 -2.09 11.21
CA HIS A 323 -14.11 -2.78 9.99
C HIS A 323 -12.67 -2.60 9.52
N CYS A 324 -11.93 -1.67 10.11
CA CYS A 324 -10.55 -1.43 9.68
C CYS A 324 -9.46 -1.75 10.70
N GLY A 325 -9.84 -2.27 11.86
CA GLY A 325 -8.84 -2.63 12.87
C GLY A 325 -7.98 -1.49 13.37
N ILE A 326 -8.54 -0.28 13.39
CA ILE A 326 -7.80 0.87 13.89
C ILE A 326 -8.33 1.18 15.30
N ALA A 327 -7.41 1.37 16.23
CA ALA A 327 -7.77 1.66 17.62
C ALA A 327 -8.62 2.92 17.72
N LEU A 328 -9.56 2.95 18.65
CA LEU A 328 -10.42 4.11 18.82
C LEU A 328 -9.65 5.42 18.95
N ASP A 329 -8.60 5.42 19.77
CA ASP A 329 -7.83 6.66 19.95
C ASP A 329 -7.24 7.14 18.64
N GLU A 330 -6.75 6.21 17.82
CA GLU A 330 -6.15 6.59 16.54
C GLU A 330 -7.25 7.04 15.57
N VAL A 331 -8.41 6.40 15.62
CA VAL A 331 -9.51 6.79 14.74
C VAL A 331 -9.99 8.19 15.11
N LEU A 332 -10.04 8.48 16.40
CA LEU A 332 -10.48 9.79 16.87
C LEU A 332 -9.55 10.86 16.31
N ARG A 333 -8.25 10.58 16.32
CA ARG A 333 -7.24 11.49 15.78
C ARG A 333 -7.48 11.73 14.28
N MET A 334 -7.94 10.68 13.58
CA MET A 334 -8.21 10.79 12.15
C MET A 334 -9.36 11.74 11.87
N ALA A 335 -10.23 11.91 12.86
CA ALA A 335 -11.39 12.79 12.75
C ALA A 335 -11.20 14.12 13.46
N THR A 336 -10.02 14.32 14.05
CA THR A 336 -9.77 15.55 14.80
C THR A 336 -8.39 16.15 14.59
N LEU A 337 -7.42 15.65 15.36
CA LEU A 337 -6.05 16.13 15.30
C LEU A 337 -5.45 16.15 13.90
N TYR A 338 -5.58 15.05 13.18
CA TYR A 338 -4.98 14.96 11.85
C TYR A 338 -5.56 15.97 10.87
N PRO A 339 -6.89 16.00 10.69
CA PRO A 339 -7.40 17.00 9.73
C PRO A 339 -7.08 18.41 10.20
N ALA A 340 -7.07 18.63 11.52
CA ALA A 340 -6.77 19.96 12.05
C ALA A 340 -5.36 20.35 11.64
N ARG A 341 -4.41 19.43 11.74
CA ARG A 341 -3.03 19.76 11.36
C ARG A 341 -2.92 19.95 9.85
N ALA A 342 -3.68 19.17 9.09
CA ALA A 342 -3.65 19.25 7.64
C ALA A 342 -4.02 20.65 7.13
N ILE A 343 -5.00 21.29 7.76
CA ILE A 343 -5.42 22.63 7.32
C ILE A 343 -4.86 23.75 8.20
N GLY A 344 -3.86 23.40 9.02
CA GLY A 344 -3.21 24.37 9.88
C GLY A 344 -4.04 25.12 10.93
N VAL A 345 -4.97 24.42 11.58
CA VAL A 345 -5.79 25.03 12.62
C VAL A 345 -5.56 24.31 13.94
N GLU A 346 -4.47 23.55 14.04
CA GLU A 346 -4.23 22.79 15.27
C GLU A 346 -3.87 23.61 16.50
N LYS A 347 -3.52 24.88 16.31
CA LYS A 347 -3.19 25.69 17.47
C LYS A 347 -4.44 26.01 18.27
N ARG A 348 -5.61 25.92 17.64
CA ARG A 348 -6.87 26.19 18.34
C ARG A 348 -7.84 25.01 18.38
N LEU A 349 -7.64 24.02 17.52
CA LEU A 349 -8.54 22.86 17.48
C LEU A 349 -7.82 21.52 17.29
N GLY A 350 -8.54 20.42 17.49
CA GLY A 350 -7.95 19.12 17.29
C GLY A 350 -7.56 18.34 18.53
N THR A 351 -7.48 19.01 19.67
CA THR A 351 -7.14 18.33 20.92
C THR A 351 -7.86 18.98 22.08
N LEU A 352 -7.92 18.26 23.20
CA LEU A 352 -8.52 18.76 24.41
C LEU A 352 -7.36 19.19 25.31
N ALA A 353 -6.97 20.46 25.20
CA ALA A 353 -5.87 21.00 25.99
C ALA A 353 -6.11 22.46 26.34
N ALA A 354 -5.43 22.93 27.38
CA ALA A 354 -5.57 24.31 27.83
C ALA A 354 -5.33 25.32 26.72
N GLY A 355 -6.27 26.24 26.57
CA GLY A 355 -6.14 27.26 25.55
C GLY A 355 -6.88 26.96 24.27
N LYS A 356 -7.15 25.68 24.01
CA LYS A 356 -7.84 25.27 22.79
C LYS A 356 -9.31 25.67 22.82
N VAL A 357 -9.90 25.83 21.65
CA VAL A 357 -11.31 26.18 21.57
C VAL A 357 -12.12 25.05 22.16
N ALA A 358 -13.19 25.39 22.87
CA ALA A 358 -14.02 24.38 23.51
C ALA A 358 -15.06 23.76 22.58
N ASN A 359 -14.58 23.01 21.59
CA ASN A 359 -15.46 22.30 20.66
C ASN A 359 -15.27 20.83 21.00
N LEU A 360 -16.33 20.18 21.47
CA LEU A 360 -16.24 18.78 21.86
C LEU A 360 -17.51 18.00 21.56
N THR A 361 -17.39 16.68 21.62
CA THR A 361 -18.54 15.81 21.43
C THR A 361 -18.34 14.61 22.33
N ALA A 362 -19.45 14.05 22.81
CA ALA A 362 -19.38 12.89 23.69
C ALA A 362 -20.30 11.80 23.16
N PHE A 363 -19.87 10.56 23.28
CA PHE A 363 -20.67 9.46 22.78
C PHE A 363 -20.51 8.18 23.61
N THR A 364 -21.55 7.35 23.57
CA THR A 364 -21.56 6.08 24.29
C THR A 364 -20.74 5.08 23.48
N PRO A 365 -20.37 3.94 24.07
CA PRO A 365 -19.60 2.91 23.38
C PRO A 365 -20.23 2.42 22.08
N ASP A 366 -21.56 2.54 21.98
CA ASP A 366 -22.24 2.10 20.77
C ASP A 366 -22.27 3.25 19.74
N PHE A 367 -21.40 4.24 19.97
CA PHE A 367 -21.28 5.39 19.07
C PHE A 367 -22.51 6.28 18.87
N LYS A 368 -23.24 6.54 19.94
CA LYS A 368 -24.41 7.41 19.87
C LYS A 368 -23.99 8.71 20.55
N ILE A 369 -24.18 9.84 19.86
CA ILE A 369 -23.81 11.14 20.41
C ILE A 369 -24.68 11.51 21.60
N THR A 370 -24.06 11.92 22.70
CA THR A 370 -24.79 12.33 23.90
C THR A 370 -24.64 13.83 24.11
N LYS A 371 -23.50 14.37 23.66
CA LYS A 371 -23.21 15.79 23.81
C LYS A 371 -22.37 16.34 22.67
N THR A 372 -22.63 17.59 22.35
CA THR A 372 -21.85 18.31 21.35
C THR A 372 -21.74 19.72 21.89
N ILE A 373 -20.51 20.20 22.02
CA ILE A 373 -20.24 21.52 22.57
C ILE A 373 -19.45 22.34 21.56
N VAL A 374 -19.90 23.58 21.36
CA VAL A 374 -19.27 24.51 20.43
C VAL A 374 -19.01 25.85 21.12
N ASN A 375 -17.74 26.27 21.14
CA ASN A 375 -17.35 27.51 21.81
C ASN A 375 -17.85 27.48 23.25
N GLY A 376 -17.86 26.30 23.86
CA GLY A 376 -18.30 26.19 25.22
C GLY A 376 -19.79 25.95 25.45
N ASN A 377 -20.62 26.16 24.43
CA ASN A 377 -22.05 25.96 24.60
C ASN A 377 -22.48 24.55 24.19
N GLU A 378 -23.26 23.89 25.05
CA GLU A 378 -23.74 22.55 24.73
C GLU A 378 -24.93 22.72 23.80
N VAL A 379 -24.72 22.43 22.52
CA VAL A 379 -25.76 22.58 21.51
C VAL A 379 -26.52 21.28 21.21
N VAL A 380 -26.00 20.16 21.66
CA VAL A 380 -26.69 18.90 21.48
C VAL A 380 -26.68 18.18 22.80
N THR A 381 -27.85 17.74 23.24
CA THR A 381 -28.00 17.04 24.50
C THR A 381 -28.90 15.83 24.29
N GLN A 382 -28.30 14.64 24.35
CA GLN A 382 -29.05 13.40 24.16
C GLN A 382 -28.52 12.36 25.14
N MET B 1 39.90 -27.63 5.58
CA MET B 1 39.05 -26.67 6.34
C MET B 1 39.63 -25.27 6.19
N TYR B 2 38.82 -24.24 6.38
CA TYR B 2 39.30 -22.87 6.26
C TYR B 2 38.39 -21.85 6.95
N ALA B 3 38.86 -20.61 7.02
CA ALA B 3 38.10 -19.53 7.64
C ALA B 3 38.16 -18.27 6.80
N LEU B 4 37.00 -17.65 6.60
CA LEU B 4 36.90 -16.42 5.84
C LEU B 4 37.06 -15.28 6.84
N THR B 5 37.97 -14.35 6.55
CA THR B 5 38.23 -13.24 7.46
C THR B 5 38.39 -11.90 6.76
N GLN B 6 38.55 -10.85 7.56
CA GLN B 6 38.73 -9.48 7.07
C GLN B 6 37.64 -9.01 6.11
N GLY B 7 36.40 -9.06 6.58
CA GLY B 7 35.28 -8.63 5.77
C GLY B 7 34.06 -8.50 6.65
N ARG B 8 33.07 -7.71 6.22
CA ARG B 8 31.85 -7.55 6.99
C ARG B 8 30.98 -8.78 6.82
N ILE B 9 30.74 -9.49 7.91
CA ILE B 9 29.94 -10.71 7.86
C ILE B 9 28.50 -10.50 8.26
N PHE B 10 27.57 -10.76 7.35
CA PHE B 10 26.15 -10.62 7.63
C PHE B 10 25.58 -12.00 7.94
N THR B 11 25.20 -12.20 9.19
CA THR B 11 24.67 -13.48 9.66
C THR B 11 23.20 -13.68 9.35
N GLY B 12 22.52 -12.61 8.99
CA GLY B 12 21.09 -12.71 8.72
C GLY B 12 20.37 -11.90 9.78
N HIS B 13 21.03 -11.73 10.92
CA HIS B 13 20.46 -10.97 12.02
C HIS B 13 21.29 -9.73 12.33
N GLU B 14 22.52 -9.69 11.81
CA GLU B 14 23.38 -8.55 12.09
C GLU B 14 24.65 -8.58 11.27
N PHE B 15 25.35 -7.45 11.25
CA PHE B 15 26.62 -7.32 10.55
C PHE B 15 27.70 -7.42 11.61
N LEU B 16 28.65 -8.33 11.38
CA LEU B 16 29.73 -8.52 12.34
C LEU B 16 31.05 -8.03 11.79
N ASP B 17 31.82 -7.36 12.65
CA ASP B 17 33.13 -6.85 12.30
C ASP B 17 34.15 -7.61 13.14
N ASP B 18 35.34 -7.82 12.58
CA ASP B 18 36.40 -8.52 13.29
C ASP B 18 35.99 -9.93 13.67
N HIS B 19 35.25 -10.58 12.78
CA HIS B 19 34.83 -11.96 13.00
C HIS B 19 35.29 -12.77 11.82
N ALA B 20 35.09 -14.09 11.92
CA ALA B 20 35.48 -14.97 10.84
C ALA B 20 34.53 -16.15 10.80
N VAL B 21 34.25 -16.61 9.59
CA VAL B 21 33.37 -17.74 9.37
C VAL B 21 34.25 -18.92 8.99
N VAL B 22 34.23 -19.96 9.81
CA VAL B 22 35.03 -21.14 9.49
C VAL B 22 34.14 -22.17 8.81
N ILE B 23 34.55 -22.60 7.63
CA ILE B 23 33.79 -23.57 6.87
C ILE B 23 34.48 -24.92 6.88
N ALA B 24 33.73 -25.94 7.28
CA ALA B 24 34.25 -27.30 7.35
C ALA B 24 33.17 -28.29 6.93
N ASP B 25 33.58 -29.27 6.11
CA ASP B 25 32.68 -30.30 5.63
C ASP B 25 31.41 -29.75 4.99
N GLY B 26 31.58 -28.84 4.04
CA GLY B 26 30.45 -28.25 3.35
C GLY B 26 29.47 -27.52 4.25
N LEU B 27 29.81 -27.42 5.53
CA LEU B 27 28.95 -26.74 6.49
C LEU B 27 29.69 -25.58 7.13
N ILE B 28 28.92 -24.66 7.73
CA ILE B 28 29.52 -23.53 8.43
C ILE B 28 29.76 -24.04 9.84
N LYS B 29 31.04 -24.16 10.20
CA LYS B 29 31.41 -24.65 11.52
C LYS B 29 31.07 -23.63 12.59
N SER B 30 31.55 -22.40 12.43
CA SER B 30 31.26 -21.37 13.41
C SER B 30 31.48 -19.96 12.91
N VAL B 31 30.85 -19.01 13.60
CA VAL B 31 30.96 -17.59 13.29
C VAL B 31 31.27 -16.91 14.63
N CYS B 32 32.52 -16.51 14.82
CA CYS B 32 32.88 -15.88 16.08
C CYS B 32 34.07 -14.94 15.92
N PRO B 33 34.44 -14.20 16.98
CA PRO B 33 35.58 -13.28 16.91
C PRO B 33 36.81 -13.92 16.28
N VAL B 34 37.43 -13.19 15.35
CA VAL B 34 38.61 -13.67 14.65
C VAL B 34 39.74 -13.99 15.63
N ALA B 35 39.72 -13.33 16.78
CA ALA B 35 40.74 -13.52 17.80
C ALA B 35 40.68 -14.89 18.49
N GLU B 36 39.59 -15.63 18.27
CA GLU B 36 39.46 -16.94 18.90
C GLU B 36 39.71 -18.06 17.88
N LEU B 37 40.25 -17.68 16.72
CA LEU B 37 40.56 -18.64 15.66
C LEU B 37 41.83 -19.42 15.91
N PRO B 38 41.76 -20.75 15.82
CA PRO B 38 42.92 -21.62 16.03
C PRO B 38 44.04 -21.23 15.09
N PRO B 39 45.29 -21.53 15.45
CA PRO B 39 46.42 -21.17 14.58
C PRO B 39 46.59 -22.06 13.36
N GLU B 40 47.17 -21.49 12.31
CA GLU B 40 47.46 -22.19 11.06
C GLU B 40 46.27 -22.56 10.15
N ILE B 41 45.05 -22.29 10.58
CA ILE B 41 43.92 -22.61 9.71
C ILE B 41 44.01 -21.66 8.53
N GLU B 42 44.01 -22.19 7.30
CA GLU B 42 44.11 -21.31 6.15
C GLU B 42 42.97 -20.30 6.22
N GLN B 43 43.33 -19.02 6.21
CA GLN B 43 42.34 -17.97 6.26
C GLN B 43 42.16 -17.39 4.86
N ARG B 44 40.91 -17.29 4.43
CA ARG B 44 40.62 -16.72 3.12
C ARG B 44 40.15 -15.30 3.38
N SER B 45 40.94 -14.32 2.93
CA SER B 45 40.59 -12.93 3.14
C SER B 45 39.47 -12.48 2.21
N LEU B 46 38.49 -11.78 2.76
CA LEU B 46 37.37 -11.27 1.98
C LEU B 46 37.78 -9.89 1.48
N ASN B 47 38.90 -9.41 2.01
CA ASN B 47 39.45 -8.11 1.67
C ASN B 47 38.42 -6.99 1.76
N GLY B 48 37.74 -6.93 2.91
CA GLY B 48 36.75 -5.89 3.12
C GLY B 48 35.40 -6.13 2.47
N ALA B 49 35.31 -7.15 1.63
CA ALA B 49 34.03 -7.44 0.98
C ALA B 49 32.98 -7.92 1.98
N ILE B 50 31.72 -7.70 1.63
CA ILE B 50 30.61 -8.12 2.48
C ILE B 50 30.36 -9.62 2.25
N LEU B 51 30.20 -10.37 3.33
CA LEU B 51 29.98 -11.80 3.24
C LEU B 51 28.54 -12.07 3.66
N SER B 52 27.82 -12.79 2.81
CA SER B 52 26.42 -13.10 3.05
C SER B 52 26.05 -14.50 2.60
N PRO B 53 24.99 -15.07 3.18
CA PRO B 53 24.64 -16.42 2.72
C PRO B 53 24.29 -16.30 1.24
N GLY B 54 24.39 -17.39 0.49
CA GLY B 54 24.09 -17.33 -0.94
C GLY B 54 22.66 -16.94 -1.23
N PHE B 55 22.45 -16.13 -2.27
CA PHE B 55 21.10 -15.70 -2.61
C PHE B 55 20.23 -16.88 -3.06
N ILE B 56 18.94 -16.81 -2.74
CA ILE B 56 18.00 -17.87 -3.10
C ILE B 56 16.89 -17.27 -3.97
N ASP B 57 16.85 -17.72 -5.24
CA ASP B 57 15.87 -17.24 -6.22
C ASP B 57 14.75 -18.25 -6.39
N VAL B 58 13.54 -17.93 -5.90
CA VAL B 58 12.42 -18.86 -6.00
C VAL B 58 11.57 -18.80 -7.28
N GLN B 59 12.03 -18.06 -8.29
CA GLN B 59 11.34 -17.99 -9.56
C GLN B 59 12.35 -17.67 -10.65
N LEU B 60 12.77 -18.70 -11.39
CA LEU B 60 13.77 -18.53 -12.43
C LEU B 60 13.47 -19.46 -13.60
N ASN B 61 13.08 -18.87 -14.73
CA ASN B 61 12.74 -19.60 -15.94
C ASN B 61 13.96 -20.01 -16.75
N GLY B 62 15.02 -19.20 -16.65
CA GLY B 62 16.23 -19.50 -17.38
C GLY B 62 17.29 -18.44 -17.10
N CYS B 63 18.49 -18.70 -17.58
CA CYS B 63 19.63 -17.80 -17.41
C CYS B 63 20.84 -18.48 -18.03
N GLY B 64 21.92 -17.75 -18.24
CA GLY B 64 23.10 -18.34 -18.84
C GLY B 64 22.87 -18.81 -20.27
N GLY B 65 21.93 -18.18 -20.96
CA GLY B 65 21.64 -18.54 -22.35
C GLY B 65 20.74 -19.74 -22.58
N VAL B 66 20.22 -20.34 -21.51
CA VAL B 66 19.33 -21.48 -21.63
C VAL B 66 18.05 -21.29 -20.82
N GLN B 67 17.05 -22.09 -21.15
CA GLN B 67 15.74 -22.05 -20.50
C GLN B 67 15.34 -23.46 -20.07
N PHE B 68 14.73 -23.57 -18.89
CA PHE B 68 14.27 -24.88 -18.41
C PHE B 68 12.79 -24.83 -18.74
N ASN B 69 12.48 -24.69 -20.03
CA ASN B 69 11.10 -24.58 -20.49
C ASN B 69 10.90 -24.93 -21.97
N ASP B 70 9.63 -24.95 -22.37
CA ASP B 70 9.22 -25.19 -23.76
C ASP B 70 9.46 -26.55 -24.42
N THR B 71 10.68 -27.06 -24.38
CA THR B 71 10.95 -28.33 -25.06
C THR B 71 11.56 -29.43 -24.21
N ALA B 72 11.37 -30.67 -24.67
CA ALA B 72 11.91 -31.83 -23.98
C ALA B 72 13.43 -31.78 -24.00
N GLU B 73 13.98 -31.12 -25.02
CA GLU B 73 15.42 -31.00 -25.16
C GLU B 73 16.02 -30.08 -24.08
N ALA B 74 15.32 -28.99 -23.78
CA ALA B 74 15.80 -28.01 -22.80
C ALA B 74 15.51 -28.39 -21.35
N VAL B 75 14.44 -29.15 -21.13
CA VAL B 75 14.07 -29.58 -19.78
C VAL B 75 14.97 -30.76 -19.44
N SER B 76 16.21 -30.45 -19.07
CA SER B 76 17.20 -31.48 -18.74
C SER B 76 18.05 -31.15 -17.53
N VAL B 77 18.76 -32.17 -17.05
CA VAL B 77 19.65 -32.00 -15.92
C VAL B 77 20.77 -31.03 -16.28
N GLU B 78 21.28 -31.16 -17.51
CA GLU B 78 22.35 -30.30 -17.98
C GLU B 78 21.96 -28.82 -17.94
N THR B 79 20.70 -28.53 -18.27
CA THR B 79 20.20 -27.16 -18.24
C THR B 79 20.28 -26.66 -16.81
N LEU B 80 19.79 -27.49 -15.88
CA LEU B 80 19.81 -27.17 -14.46
C LEU B 80 21.24 -26.85 -14.01
N GLU B 81 22.18 -27.69 -14.41
CA GLU B 81 23.57 -27.48 -14.05
C GLU B 81 24.11 -26.18 -14.64
N ILE B 82 23.70 -25.88 -15.87
CA ILE B 82 24.16 -24.68 -16.54
C ILE B 82 23.62 -23.44 -15.84
N MET B 83 22.33 -23.46 -15.51
CA MET B 83 21.70 -22.33 -14.83
C MET B 83 22.33 -22.09 -13.46
N GLN B 84 22.78 -23.16 -12.81
CA GLN B 84 23.43 -23.04 -11.51
C GLN B 84 24.75 -22.28 -11.60
N LYS B 85 25.60 -22.67 -12.56
CA LYS B 85 26.89 -22.02 -12.74
C LYS B 85 26.70 -20.54 -13.07
N ALA B 86 25.63 -20.23 -13.81
CA ALA B 86 25.34 -18.85 -14.18
C ALA B 86 24.90 -18.06 -12.94
N ASN B 87 24.02 -18.64 -12.13
CA ASN B 87 23.54 -17.98 -10.92
C ASN B 87 24.68 -17.64 -9.98
N GLU B 88 25.57 -18.62 -9.76
CA GLU B 88 26.71 -18.45 -8.89
C GLU B 88 27.54 -17.21 -9.21
N LYS B 89 27.63 -16.87 -10.50
CA LYS B 89 28.39 -15.69 -10.92
C LYS B 89 27.72 -14.43 -10.35
N SER B 90 26.45 -14.56 -10.00
CA SER B 90 25.67 -13.44 -9.47
C SER B 90 25.35 -13.59 -7.97
N GLY B 91 26.09 -14.46 -7.30
CA GLY B 91 25.89 -14.67 -5.87
C GLY B 91 24.73 -15.58 -5.51
N CYS B 92 24.01 -16.06 -6.51
CA CYS B 92 22.88 -16.94 -6.28
C CYS B 92 23.30 -18.42 -6.21
N THR B 93 23.25 -19.00 -5.02
CA THR B 93 23.65 -20.38 -4.83
C THR B 93 22.49 -21.36 -4.89
N ASN B 94 21.28 -20.85 -4.77
CA ASN B 94 20.09 -21.69 -4.82
C ASN B 94 18.95 -21.08 -5.62
N TYR B 95 18.10 -21.93 -6.16
CA TYR B 95 16.97 -21.46 -6.93
C TYR B 95 15.96 -22.57 -7.15
N LEU B 96 14.81 -22.17 -7.69
CA LEU B 96 13.74 -23.10 -7.99
C LEU B 96 13.54 -23.05 -9.50
N PRO B 97 14.07 -24.04 -10.23
CA PRO B 97 13.85 -23.99 -11.69
C PRO B 97 12.35 -23.90 -11.92
N THR B 98 11.93 -22.94 -12.73
CA THR B 98 10.52 -22.75 -12.94
C THR B 98 10.02 -23.12 -14.34
N LEU B 99 9.21 -24.17 -14.39
CA LEU B 99 8.63 -24.67 -15.63
C LEU B 99 7.22 -24.11 -15.77
N ILE B 100 6.98 -23.29 -16.79
CA ILE B 100 5.66 -22.70 -16.96
C ILE B 100 4.69 -23.51 -17.82
N THR B 101 3.43 -23.07 -17.79
CA THR B 101 2.32 -23.65 -18.53
C THR B 101 2.75 -24.45 -19.76
N THR B 102 2.68 -25.78 -19.66
CA THR B 102 3.06 -26.66 -20.76
C THR B 102 2.25 -27.96 -20.70
N SER B 103 2.58 -28.91 -21.57
CA SER B 103 1.86 -30.19 -21.64
C SER B 103 2.09 -31.08 -20.42
N ASP B 104 1.22 -32.06 -20.22
CA ASP B 104 1.34 -33.00 -19.11
C ASP B 104 2.66 -33.76 -19.20
N GLU B 105 3.02 -34.20 -20.40
CA GLU B 105 4.24 -34.95 -20.60
C GLU B 105 5.48 -34.16 -20.23
N LEU B 106 5.57 -32.90 -20.65
CA LEU B 106 6.73 -32.08 -20.34
C LEU B 106 6.84 -31.85 -18.84
N MET B 107 5.70 -31.78 -18.16
CA MET B 107 5.67 -31.58 -16.71
C MET B 107 6.23 -32.81 -16.00
N LYS B 108 5.91 -33.99 -16.54
CA LYS B 108 6.38 -35.24 -15.97
C LYS B 108 7.89 -35.40 -16.19
N GLN B 109 8.37 -34.93 -17.33
CA GLN B 109 9.79 -35.01 -17.61
C GLN B 109 10.49 -34.08 -16.62
N GLY B 110 9.94 -32.88 -16.46
CA GLY B 110 10.50 -31.91 -15.53
C GLY B 110 10.66 -32.50 -14.14
N VAL B 111 9.66 -33.27 -13.72
CA VAL B 111 9.69 -33.92 -12.41
C VAL B 111 10.78 -34.99 -12.36
N ARG B 112 10.91 -35.78 -13.43
CA ARG B 112 11.94 -36.82 -13.48
C ARG B 112 13.32 -36.18 -13.50
N VAL B 113 13.46 -35.09 -14.25
CA VAL B 113 14.72 -34.38 -14.34
C VAL B 113 15.13 -33.76 -13.00
N MET B 114 14.17 -33.16 -12.31
CA MET B 114 14.43 -32.54 -11.03
C MET B 114 14.94 -33.62 -10.08
N ARG B 115 14.22 -34.74 -10.02
CA ARG B 115 14.58 -35.85 -9.17
C ARG B 115 15.98 -36.38 -9.47
N GLU B 116 16.31 -36.56 -10.75
CA GLU B 116 17.63 -37.04 -11.10
C GLU B 116 18.67 -36.04 -10.61
N TYR B 117 18.40 -34.76 -10.87
CA TYR B 117 19.29 -33.68 -10.45
C TYR B 117 19.54 -33.69 -8.95
N LEU B 118 18.48 -33.77 -8.15
CA LEU B 118 18.63 -33.77 -6.69
C LEU B 118 19.59 -34.83 -6.18
N ALA B 119 19.54 -36.03 -6.77
CA ALA B 119 20.40 -37.13 -6.36
C ALA B 119 21.87 -36.85 -6.65
N LYS B 120 22.12 -36.00 -7.64
CA LYS B 120 23.50 -35.68 -8.03
C LYS B 120 24.05 -34.39 -7.42
N HIS B 121 23.20 -33.37 -7.26
CA HIS B 121 23.65 -32.10 -6.71
C HIS B 121 22.83 -31.57 -5.54
N PRO B 122 23.31 -31.75 -4.30
CA PRO B 122 22.52 -31.24 -3.18
C PRO B 122 22.76 -29.75 -2.93
N ASN B 123 21.82 -29.13 -2.23
CA ASN B 123 21.90 -27.72 -1.86
C ASN B 123 22.21 -26.74 -3.00
N GLN B 124 21.59 -27.00 -4.15
CA GLN B 124 21.74 -26.14 -5.32
C GLN B 124 20.31 -25.95 -5.80
N ALA B 125 19.96 -26.40 -7.00
CA ALA B 125 18.57 -26.27 -7.43
C ALA B 125 17.83 -27.10 -6.40
N LEU B 126 16.93 -26.46 -5.64
CA LEU B 126 16.21 -27.11 -4.56
C LEU B 126 14.99 -27.94 -4.90
N GLY B 127 14.28 -27.56 -5.94
CA GLY B 127 13.07 -28.29 -6.32
C GLY B 127 12.32 -27.51 -7.38
N LEU B 128 11.34 -28.15 -7.99
CA LEU B 128 10.56 -27.52 -9.05
C LEU B 128 9.56 -26.46 -8.62
N HIS B 129 9.41 -25.45 -9.48
CA HIS B 129 8.43 -24.40 -9.30
C HIS B 129 7.63 -24.51 -10.60
N LEU B 130 6.41 -25.02 -10.50
CA LEU B 130 5.54 -25.18 -11.64
C LEU B 130 4.59 -24.00 -11.71
N GLU B 131 4.88 -23.05 -12.60
CA GLU B 131 4.02 -21.88 -12.72
C GLU B 131 3.02 -22.17 -13.83
N GLY B 132 1.86 -22.69 -13.45
CA GLY B 132 0.85 -23.04 -14.42
C GLY B 132 0.60 -24.53 -14.32
N PRO B 133 -0.27 -25.09 -15.17
CA PRO B 133 -1.03 -24.40 -16.21
C PRO B 133 -2.43 -23.95 -15.78
N TRP B 134 -2.76 -24.13 -14.51
CA TRP B 134 -4.08 -23.76 -14.00
C TRP B 134 -4.24 -22.28 -13.73
N LEU B 135 -4.11 -21.47 -14.78
CA LEU B 135 -4.20 -20.02 -14.65
C LEU B 135 -5.47 -19.42 -15.29
N ASN B 136 -5.60 -18.10 -15.18
CA ASN B 136 -6.74 -17.37 -15.74
C ASN B 136 -6.25 -16.74 -17.05
N LEU B 137 -6.93 -17.05 -18.16
CA LEU B 137 -6.53 -16.51 -19.46
C LEU B 137 -6.36 -15.00 -19.50
N VAL B 138 -7.25 -14.29 -18.79
CA VAL B 138 -7.21 -12.84 -18.73
C VAL B 138 -5.87 -12.32 -18.20
N LYS B 139 -5.18 -13.16 -17.43
CA LYS B 139 -3.89 -12.79 -16.87
C LYS B 139 -2.80 -13.79 -17.20
N LYS B 140 -2.88 -14.41 -18.37
CA LYS B 140 -1.89 -15.38 -18.77
C LYS B 140 -0.52 -14.76 -18.99
N GLY B 141 -0.49 -13.46 -19.21
CA GLY B 141 0.79 -12.80 -19.45
C GLY B 141 1.41 -13.34 -20.73
N THR B 142 2.65 -13.82 -20.66
CA THR B 142 3.31 -14.35 -21.85
C THR B 142 3.08 -15.85 -22.06
N HIS B 143 2.31 -16.49 -21.19
CA HIS B 143 2.06 -17.93 -21.30
C HIS B 143 1.28 -18.31 -22.57
N ASN B 144 1.51 -19.54 -23.03
CA ASN B 144 0.84 -20.07 -24.23
C ASN B 144 -0.58 -20.49 -23.83
N PRO B 145 -1.60 -19.80 -24.34
CA PRO B 145 -3.00 -20.09 -24.03
C PRO B 145 -3.46 -21.50 -24.40
N ASN B 146 -2.79 -22.10 -25.38
CA ASN B 146 -3.14 -23.43 -25.82
C ASN B 146 -2.87 -24.47 -24.74
N PHE B 147 -2.18 -24.06 -23.68
CA PHE B 147 -1.87 -24.98 -22.58
C PHE B 147 -2.47 -24.58 -21.26
N VAL B 148 -3.03 -23.38 -21.19
CA VAL B 148 -3.68 -22.93 -19.96
C VAL B 148 -4.95 -23.77 -19.89
N ARG B 149 -5.07 -24.56 -18.83
CA ARG B 149 -6.22 -25.45 -18.68
C ARG B 149 -6.64 -25.62 -17.23
N LYS B 150 -7.74 -26.33 -17.04
CA LYS B 150 -8.26 -26.59 -15.71
C LYS B 150 -7.58 -27.84 -15.17
N PRO B 151 -7.56 -28.00 -13.84
CA PRO B 151 -6.92 -29.17 -13.24
C PRO B 151 -7.67 -30.50 -13.41
N ASP B 152 -6.92 -31.57 -13.67
CA ASP B 152 -7.49 -32.91 -13.82
C ASP B 152 -7.08 -33.70 -12.58
N ALA B 153 -7.87 -34.69 -12.21
CA ALA B 153 -7.56 -35.52 -11.05
C ALA B 153 -6.20 -36.18 -11.23
N ALA B 154 -5.93 -36.63 -12.46
CA ALA B 154 -4.68 -37.30 -12.79
C ALA B 154 -3.44 -36.45 -12.57
N LEU B 155 -3.44 -35.23 -13.11
CA LEU B 155 -2.29 -34.34 -12.97
C LEU B 155 -2.14 -33.95 -11.50
N VAL B 156 -3.26 -33.61 -10.86
CA VAL B 156 -3.24 -33.22 -9.45
C VAL B 156 -2.60 -34.32 -8.60
N ASP B 157 -3.06 -35.55 -8.81
CA ASP B 157 -2.54 -36.70 -8.09
C ASP B 157 -1.05 -36.90 -8.36
N PHE B 158 -0.65 -36.76 -9.61
CA PHE B 158 0.75 -36.93 -9.99
C PHE B 158 1.64 -35.92 -9.24
N LEU B 159 1.18 -34.68 -9.13
CA LEU B 159 1.97 -33.67 -8.44
C LEU B 159 2.10 -34.02 -6.96
N CYS B 160 0.97 -34.36 -6.34
CA CYS B 160 0.97 -34.70 -4.92
C CYS B 160 1.88 -35.89 -4.64
N GLU B 161 1.91 -36.85 -5.56
CA GLU B 161 2.73 -38.04 -5.39
C GLU B 161 4.21 -37.72 -5.57
N ASN B 162 4.50 -36.62 -6.26
CA ASN B 162 5.87 -36.21 -6.50
C ASN B 162 6.24 -34.93 -5.74
N ALA B 163 5.49 -34.65 -4.69
CA ALA B 163 5.71 -33.47 -3.86
C ALA B 163 7.14 -33.37 -3.32
N ASP B 164 7.82 -34.51 -3.23
CA ASP B 164 9.18 -34.52 -2.71
C ASP B 164 10.19 -33.77 -3.57
N VAL B 165 9.86 -33.50 -4.83
CA VAL B 165 10.77 -32.75 -5.70
C VAL B 165 10.07 -31.52 -6.29
N ILE B 166 8.87 -31.24 -5.81
CA ILE B 166 8.09 -30.09 -6.29
C ILE B 166 7.96 -29.14 -5.11
N THR B 167 8.75 -28.06 -5.14
CA THR B 167 8.73 -27.08 -4.07
C THR B 167 7.50 -26.18 -4.07
N LYS B 168 7.06 -25.78 -5.26
CA LYS B 168 5.92 -24.87 -5.34
C LYS B 168 5.16 -24.93 -6.66
N VAL B 169 3.85 -24.66 -6.58
CA VAL B 169 3.01 -24.61 -7.75
C VAL B 169 2.24 -23.27 -7.69
N THR B 170 2.34 -22.50 -8.77
CA THR B 170 1.63 -21.23 -8.86
C THR B 170 0.35 -21.49 -9.65
N LEU B 171 -0.77 -21.02 -9.12
CA LEU B 171 -2.05 -21.19 -9.80
C LEU B 171 -2.95 -20.01 -9.49
N ALA B 172 -4.03 -19.88 -10.26
CA ALA B 172 -5.01 -18.82 -10.05
C ALA B 172 -6.09 -19.46 -9.19
N PRO B 173 -6.23 -19.00 -7.93
CA PRO B 173 -7.23 -19.56 -7.01
C PRO B 173 -8.67 -19.58 -7.53
N GLU B 174 -9.05 -18.57 -8.30
CA GLU B 174 -10.43 -18.54 -8.80
C GLU B 174 -10.66 -19.49 -9.97
N MET B 175 -9.60 -20.15 -10.43
CA MET B 175 -9.70 -21.09 -11.55
C MET B 175 -9.59 -22.54 -11.11
N VAL B 176 -9.46 -22.76 -9.82
CA VAL B 176 -9.32 -24.12 -9.30
C VAL B 176 -10.15 -24.36 -8.04
N PRO B 177 -10.64 -25.60 -7.84
CA PRO B 177 -11.43 -25.90 -6.65
C PRO B 177 -10.57 -25.77 -5.41
N ALA B 178 -11.17 -25.38 -4.28
CA ALA B 178 -10.43 -25.23 -3.04
C ALA B 178 -9.74 -26.53 -2.69
N GLU B 179 -10.44 -27.64 -2.90
CA GLU B 179 -9.90 -28.97 -2.59
C GLU B 179 -8.54 -29.20 -3.24
N VAL B 180 -8.35 -28.72 -4.46
CA VAL B 180 -7.08 -28.90 -5.16
C VAL B 180 -5.95 -28.20 -4.42
N ILE B 181 -6.21 -26.98 -3.96
CA ILE B 181 -5.19 -26.21 -3.23
C ILE B 181 -4.86 -26.92 -1.92
N SER B 182 -5.89 -27.31 -1.18
CA SER B 182 -5.68 -27.98 0.10
C SER B 182 -4.90 -29.29 -0.09
N LYS B 183 -5.25 -30.03 -1.13
CA LYS B 183 -4.57 -31.30 -1.40
C LYS B 183 -3.09 -31.06 -1.63
N LEU B 184 -2.76 -30.11 -2.52
CA LEU B 184 -1.37 -29.80 -2.82
C LEU B 184 -0.58 -29.36 -1.57
N ALA B 185 -1.15 -28.45 -0.79
CA ALA B 185 -0.49 -27.93 0.40
C ALA B 185 -0.33 -29.01 1.46
N ASN B 186 -1.30 -29.91 1.57
CA ASN B 186 -1.23 -30.98 2.55
C ASN B 186 -0.13 -31.97 2.16
N ALA B 187 0.17 -32.04 0.86
CA ALA B 187 1.22 -32.93 0.37
C ALA B 187 2.60 -32.34 0.66
N GLY B 188 2.63 -31.07 1.05
CA GLY B 188 3.90 -30.43 1.36
C GLY B 188 4.33 -29.38 0.35
N ILE B 189 3.54 -29.23 -0.71
CA ILE B 189 3.86 -28.26 -1.75
C ILE B 189 3.39 -26.85 -1.39
N VAL B 190 4.21 -25.85 -1.68
CA VAL B 190 3.83 -24.47 -1.41
C VAL B 190 2.92 -24.03 -2.56
N VAL B 191 1.68 -23.69 -2.25
CA VAL B 191 0.75 -23.25 -3.30
C VAL B 191 0.75 -21.72 -3.32
N SER B 192 1.04 -21.16 -4.49
CA SER B 192 1.10 -19.71 -4.64
C SER B 192 0.09 -19.19 -5.66
N ALA B 193 -0.45 -18.00 -5.39
CA ALA B 193 -1.41 -17.37 -6.28
C ALA B 193 -0.64 -16.54 -7.31
N GLY B 194 -0.98 -16.72 -8.58
CA GLY B 194 -0.32 -15.98 -9.64
C GLY B 194 -1.09 -16.06 -10.95
N HIS B 195 -0.85 -15.13 -11.89
CA HIS B 195 -1.56 -15.14 -13.17
C HIS B 195 -3.03 -15.36 -12.89
N SER B 196 -3.55 -14.51 -12.02
CA SER B 196 -4.94 -14.57 -11.58
C SER B 196 -5.66 -13.22 -11.72
N ASN B 197 -6.96 -13.25 -11.97
CA ASN B 197 -7.74 -12.01 -12.06
C ASN B 197 -8.67 -12.02 -10.86
N ALA B 198 -8.29 -12.79 -9.84
CA ALA B 198 -9.08 -12.93 -8.63
C ALA B 198 -9.41 -11.63 -7.91
N THR B 199 -10.64 -11.55 -7.41
CA THR B 199 -11.08 -10.39 -6.64
C THR B 199 -10.48 -10.60 -5.25
N LEU B 200 -10.62 -9.61 -4.38
CA LEU B 200 -10.09 -9.75 -3.03
C LEU B 200 -10.77 -10.92 -2.32
N LYS B 201 -12.07 -11.07 -2.56
CA LYS B 201 -12.84 -12.16 -1.96
C LYS B 201 -12.33 -13.52 -2.43
N GLU B 202 -12.12 -13.63 -3.74
CA GLU B 202 -11.61 -14.89 -4.29
C GLU B 202 -10.21 -15.18 -3.75
N ALA B 203 -9.38 -14.14 -3.65
CA ALA B 203 -8.02 -14.30 -3.15
C ALA B 203 -8.03 -14.84 -1.72
N LYS B 204 -8.93 -14.32 -0.90
CA LYS B 204 -9.00 -14.75 0.50
C LYS B 204 -9.43 -16.21 0.60
N ALA B 205 -10.30 -16.64 -0.30
CA ALA B 205 -10.76 -18.04 -0.33
C ALA B 205 -9.54 -18.92 -0.64
N GLY B 206 -8.68 -18.44 -1.54
CA GLY B 206 -7.47 -19.17 -1.88
C GLY B 206 -6.52 -19.28 -0.69
N PHE B 207 -6.43 -18.22 0.11
CA PHE B 207 -5.56 -18.25 1.29
C PHE B 207 -6.09 -19.28 2.28
N ARG B 208 -7.41 -19.22 2.52
CA ARG B 208 -8.04 -20.13 3.47
C ARG B 208 -7.92 -21.59 3.04
N ALA B 209 -7.79 -21.85 1.75
CA ALA B 209 -7.67 -23.21 1.25
C ALA B 209 -6.26 -23.77 1.41
N GLY B 210 -5.27 -22.88 1.54
CA GLY B 210 -3.90 -23.35 1.74
C GLY B 210 -2.81 -22.55 1.06
N ILE B 211 -3.19 -21.50 0.33
CA ILE B 211 -2.20 -20.69 -0.35
C ILE B 211 -1.41 -19.84 0.65
N THR B 212 -0.09 -19.88 0.58
CA THR B 212 0.76 -19.11 1.50
C THR B 212 1.80 -18.26 0.78
N PHE B 213 1.68 -18.13 -0.54
CA PHE B 213 2.65 -17.35 -1.30
C PHE B 213 1.94 -16.76 -2.53
N ALA B 214 2.55 -15.74 -3.13
CA ALA B 214 2.00 -15.11 -4.32
C ALA B 214 3.19 -14.84 -5.23
N THR B 215 3.01 -15.16 -6.51
CA THR B 215 4.05 -15.02 -7.51
C THR B 215 4.12 -13.61 -8.11
N HIS B 216 5.34 -13.08 -8.16
CA HIS B 216 5.65 -11.74 -8.65
C HIS B 216 4.53 -10.73 -8.49
N LEU B 217 4.43 -10.20 -7.26
CA LEU B 217 3.43 -9.20 -6.89
C LEU B 217 3.22 -8.14 -7.95
N TYR B 218 1.94 -7.87 -8.24
CA TYR B 218 1.48 -6.89 -9.24
C TYR B 218 1.40 -7.46 -10.65
N ASN B 219 2.44 -8.16 -11.07
CA ASN B 219 2.47 -8.73 -12.43
C ASN B 219 1.50 -9.90 -12.58
N ALA B 220 0.73 -9.88 -13.67
CA ALA B 220 -0.26 -10.93 -13.96
C ALA B 220 -1.31 -11.01 -12.86
N MET B 221 -1.66 -9.84 -12.32
CA MET B 221 -2.65 -9.68 -11.26
C MET B 221 -3.50 -8.47 -11.64
N PRO B 222 -4.70 -8.35 -11.04
CA PRO B 222 -5.55 -7.19 -11.37
C PRO B 222 -4.90 -5.92 -10.84
N TYR B 223 -5.23 -4.77 -11.42
CA TYR B 223 -4.70 -3.53 -10.88
C TYR B 223 -5.55 -3.28 -9.64
N ILE B 224 -5.18 -2.30 -8.82
CA ILE B 224 -5.93 -2.01 -7.60
C ILE B 224 -6.86 -0.82 -7.80
N THR B 225 -8.16 -1.04 -7.57
CA THR B 225 -9.13 0.04 -7.70
C THR B 225 -9.67 0.33 -6.31
N GLY B 226 -10.35 1.46 -6.16
CA GLY B 226 -10.89 1.82 -4.88
C GLY B 226 -11.84 0.79 -4.28
N ARG B 227 -12.75 0.28 -5.09
CA ARG B 227 -13.73 -0.69 -4.60
C ARG B 227 -13.36 -2.16 -4.84
N GLU B 228 -12.33 -2.42 -5.64
CA GLU B 228 -11.90 -3.79 -5.89
C GLU B 228 -10.39 -3.92 -5.73
N PRO B 229 -9.94 -4.23 -4.50
CA PRO B 229 -8.50 -4.38 -4.24
C PRO B 229 -7.88 -5.48 -5.10
N GLY B 230 -8.67 -6.51 -5.43
CA GLY B 230 -8.15 -7.59 -6.23
C GLY B 230 -7.10 -8.38 -5.45
N LEU B 231 -6.52 -9.39 -6.11
CA LEU B 231 -5.50 -10.24 -5.49
C LEU B 231 -4.30 -9.46 -4.93
N ALA B 232 -3.86 -8.43 -5.65
CA ALA B 232 -2.71 -7.65 -5.19
C ALA B 232 -3.03 -6.94 -3.87
N GLY B 233 -4.20 -6.31 -3.79
CA GLY B 233 -4.60 -5.63 -2.57
C GLY B 233 -4.77 -6.59 -1.40
N ALA B 234 -5.32 -7.77 -1.69
CA ALA B 234 -5.52 -8.80 -0.66
C ALA B 234 -4.19 -9.28 -0.07
N ILE B 235 -3.20 -9.51 -0.94
CA ILE B 235 -1.89 -9.96 -0.52
C ILE B 235 -1.25 -8.92 0.39
N LEU B 236 -1.40 -7.65 0.02
CA LEU B 236 -0.87 -6.54 0.78
C LEU B 236 -1.52 -6.42 2.15
N ASP B 237 -2.81 -6.72 2.20
CA ASP B 237 -3.59 -6.63 3.43
C ASP B 237 -3.47 -7.88 4.30
N GLU B 238 -2.88 -8.95 3.77
CA GLU B 238 -2.74 -10.20 4.52
C GLU B 238 -1.31 -10.43 4.96
N ALA B 239 -1.04 -10.11 6.23
CA ALA B 239 0.30 -10.22 6.79
C ALA B 239 0.99 -11.58 6.73
N ASP B 240 0.22 -12.67 6.74
CA ASP B 240 0.79 -14.02 6.71
C ASP B 240 1.29 -14.49 5.36
N ILE B 241 0.84 -13.85 4.29
CA ILE B 241 1.23 -14.27 2.95
C ILE B 241 2.57 -13.75 2.43
N TYR B 242 3.50 -14.67 2.16
CA TYR B 242 4.80 -14.32 1.61
C TYR B 242 4.56 -14.00 0.14
N CYS B 243 5.47 -13.28 -0.49
CA CYS B 243 5.33 -13.01 -1.92
C CYS B 243 6.64 -12.51 -2.55
N GLY B 244 6.80 -12.81 -3.83
CA GLY B 244 7.98 -12.40 -4.53
C GLY B 244 7.70 -11.12 -5.30
N ILE B 245 8.74 -10.39 -5.63
CA ILE B 245 8.56 -9.17 -6.39
C ILE B 245 9.82 -9.02 -7.24
N ILE B 246 9.60 -8.70 -8.52
CA ILE B 246 10.70 -8.55 -9.47
C ILE B 246 11.25 -7.13 -9.33
N ALA B 247 12.46 -7.03 -8.80
CA ALA B 247 13.06 -5.73 -8.59
C ALA B 247 14.06 -5.27 -9.67
N ASP B 248 13.61 -5.20 -10.92
CA ASP B 248 14.48 -4.74 -12.00
C ASP B 248 14.14 -3.30 -12.36
N GLY B 249 13.12 -2.74 -11.72
CA GLY B 249 12.72 -1.37 -11.99
C GLY B 249 11.98 -1.27 -13.31
N LEU B 250 11.76 -2.42 -13.94
CA LEU B 250 11.07 -2.49 -15.23
C LEU B 250 9.71 -3.17 -15.11
N HIS B 251 9.64 -4.26 -14.33
CA HIS B 251 8.38 -4.99 -14.14
C HIS B 251 7.42 -4.27 -13.20
N VAL B 252 7.98 -3.58 -12.20
CA VAL B 252 7.18 -2.88 -11.21
C VAL B 252 7.86 -1.58 -10.82
N ASP B 253 7.10 -0.48 -10.85
CA ASP B 253 7.61 0.84 -10.48
C ASP B 253 8.15 0.75 -9.05
N TYR B 254 9.32 1.32 -8.81
CA TYR B 254 9.92 1.27 -7.48
C TYR B 254 9.02 1.78 -6.35
N ALA B 255 8.10 2.69 -6.68
CA ALA B 255 7.21 3.23 -5.67
C ALA B 255 6.27 2.12 -5.15
N ASN B 256 5.85 1.22 -6.04
CA ASN B 256 4.97 0.15 -5.62
C ASN B 256 5.78 -0.87 -4.79
N ILE B 257 7.06 -1.00 -5.11
CA ILE B 257 7.90 -1.92 -4.36
C ILE B 257 8.08 -1.36 -2.94
N ARG B 258 8.27 -0.05 -2.83
CA ARG B 258 8.43 0.57 -1.51
C ARG B 258 7.15 0.38 -0.70
N ASN B 259 6.00 0.67 -1.30
CA ASN B 259 4.74 0.50 -0.60
C ASN B 259 4.56 -0.95 -0.20
N ALA B 260 4.94 -1.87 -1.08
CA ALA B 260 4.82 -3.30 -0.79
C ALA B 260 5.70 -3.71 0.38
N LYS B 261 6.92 -3.19 0.44
CA LYS B 261 7.83 -3.55 1.53
C LYS B 261 7.26 -3.10 2.87
N ARG B 262 6.73 -1.89 2.91
CA ARG B 262 6.18 -1.35 4.15
C ARG B 262 5.00 -2.20 4.62
N LEU B 263 4.18 -2.66 3.67
CA LEU B 263 3.01 -3.47 4.01
C LEU B 263 3.29 -4.96 4.24
N LYS B 264 4.33 -5.50 3.61
CA LYS B 264 4.63 -6.92 3.75
C LYS B 264 5.70 -7.25 4.80
N GLY B 265 6.51 -6.26 5.17
CA GLY B 265 7.54 -6.49 6.16
C GLY B 265 8.49 -7.63 5.83
N ASP B 266 8.59 -8.61 6.73
CA ASP B 266 9.48 -9.74 6.50
C ASP B 266 8.92 -10.83 5.59
N LYS B 267 7.86 -10.53 4.85
CA LYS B 267 7.28 -11.52 3.96
C LYS B 267 7.56 -11.24 2.47
N LEU B 268 8.22 -10.12 2.17
CA LEU B 268 8.51 -9.78 0.79
C LEU B 268 9.85 -10.38 0.37
N CYS B 269 9.81 -11.20 -0.67
CA CYS B 269 11.01 -11.86 -1.18
C CYS B 269 11.46 -11.35 -2.55
N LEU B 270 12.77 -11.27 -2.74
CA LEU B 270 13.35 -10.81 -4.00
C LEU B 270 13.45 -12.02 -4.93
N VAL B 271 12.93 -11.89 -6.15
CA VAL B 271 12.99 -12.95 -7.15
C VAL B 271 13.46 -12.30 -8.44
N THR B 272 14.06 -13.08 -9.33
CA THR B 272 14.48 -12.51 -10.59
C THR B 272 13.44 -12.78 -11.67
N ASN B 273 12.89 -13.99 -11.68
CA ASN B 273 11.93 -14.41 -12.70
C ASN B 273 12.68 -14.18 -14.02
N ALA B 274 14.00 -14.36 -13.95
CA ALA B 274 14.88 -14.17 -15.10
C ALA B 274 14.68 -15.19 -16.21
N THR B 275 15.32 -14.92 -17.34
CA THR B 275 15.28 -15.79 -18.51
C THR B 275 16.68 -15.87 -19.08
N ALA B 276 16.85 -16.74 -20.07
CA ALA B 276 18.13 -16.98 -20.74
C ALA B 276 19.11 -15.80 -20.85
N PRO B 277 18.64 -14.60 -21.23
CA PRO B 277 19.56 -13.47 -21.35
C PRO B 277 20.30 -13.10 -20.06
N ALA B 278 19.71 -13.42 -18.91
CA ALA B 278 20.36 -13.08 -17.64
C ALA B 278 21.68 -13.83 -17.51
N GLY B 279 22.72 -13.11 -17.11
CA GLY B 279 24.03 -13.72 -16.95
C GLY B 279 24.53 -14.28 -18.27
N ALA B 280 24.35 -13.51 -19.34
CA ALA B 280 24.76 -13.93 -20.66
C ALA B 280 24.65 -12.77 -21.64
N ASN B 281 25.01 -13.04 -22.90
CA ASN B 281 24.97 -12.04 -23.95
C ASN B 281 24.24 -12.56 -25.17
N ILE B 282 22.90 -12.48 -25.16
CA ILE B 282 22.13 -12.94 -26.32
C ILE B 282 21.11 -11.89 -26.74
N GLU B 283 20.75 -11.92 -28.02
CA GLU B 283 19.81 -10.96 -28.60
C GLU B 283 18.36 -11.44 -28.54
N GLN B 284 18.16 -12.76 -28.58
CA GLN B 284 16.82 -13.31 -28.53
C GLN B 284 16.82 -14.78 -28.12
N PHE B 285 15.64 -15.31 -27.83
CA PHE B 285 15.48 -16.71 -27.42
C PHE B 285 14.00 -17.12 -27.51
N ILE B 286 13.72 -18.41 -27.37
CA ILE B 286 12.35 -18.92 -27.44
C ILE B 286 11.75 -19.12 -26.04
N PHE B 287 10.46 -18.82 -25.90
CA PHE B 287 9.78 -18.97 -24.62
C PHE B 287 8.27 -18.95 -24.85
N ALA B 288 7.57 -19.92 -24.26
CA ALA B 288 6.12 -20.02 -24.41
C ALA B 288 5.72 -20.19 -25.88
N GLY B 289 6.55 -20.91 -26.64
CA GLY B 289 6.25 -21.15 -28.04
C GLY B 289 6.38 -19.93 -28.93
N LYS B 290 7.08 -18.91 -28.44
CA LYS B 290 7.27 -17.69 -29.20
C LYS B 290 8.72 -17.25 -29.21
N THR B 291 9.03 -16.27 -30.06
CA THR B 291 10.38 -15.73 -30.11
C THR B 291 10.39 -14.51 -29.21
N ILE B 292 11.30 -14.50 -28.24
CA ILE B 292 11.39 -13.36 -27.34
C ILE B 292 12.61 -12.54 -27.69
N TYR B 293 12.46 -11.22 -27.68
CA TYR B 293 13.57 -10.34 -28.02
C TYR B 293 14.06 -9.57 -26.79
N TYR B 294 15.38 -9.48 -26.66
CA TYR B 294 15.98 -8.73 -25.56
C TYR B 294 16.32 -7.37 -26.15
N ARG B 295 15.37 -6.46 -26.06
CA ARG B 295 15.53 -5.11 -26.60
C ARG B 295 15.38 -4.08 -25.49
N ASN B 296 16.46 -3.36 -25.21
CA ASN B 296 16.45 -2.32 -24.17
C ASN B 296 16.18 -2.82 -22.75
N GLY B 297 17.01 -3.75 -22.29
CA GLY B 297 16.85 -4.29 -20.95
C GLY B 297 15.55 -5.05 -20.75
N LEU B 298 14.71 -5.07 -21.78
CA LEU B 298 13.44 -5.78 -21.73
C LEU B 298 13.44 -7.09 -22.50
N CYS B 299 12.61 -8.03 -22.05
CA CYS B 299 12.45 -9.33 -22.69
C CYS B 299 10.99 -9.36 -23.13
N VAL B 300 10.75 -9.02 -24.40
CA VAL B 300 9.39 -8.97 -24.95
C VAL B 300 9.22 -9.78 -26.23
N ASP B 301 8.00 -10.24 -26.48
CA ASP B 301 7.73 -10.99 -27.70
C ASP B 301 7.46 -9.97 -28.81
N GLU B 302 7.18 -10.44 -30.02
CA GLU B 302 6.93 -9.53 -31.14
C GLU B 302 5.76 -8.58 -30.89
N ASN B 303 4.87 -8.93 -29.96
CA ASN B 303 3.72 -8.08 -29.66
C ASN B 303 4.02 -7.07 -28.57
N GLY B 304 5.23 -7.13 -28.01
CA GLY B 304 5.61 -6.20 -26.96
C GLY B 304 5.24 -6.64 -25.56
N THR B 305 4.87 -7.91 -25.41
CA THR B 305 4.49 -8.44 -24.11
C THR B 305 5.73 -8.85 -23.30
N LEU B 306 5.85 -8.34 -22.08
CA LEU B 306 6.99 -8.68 -21.22
C LEU B 306 6.97 -10.18 -20.99
N SER B 307 8.11 -10.82 -21.17
CA SER B 307 8.18 -12.27 -21.02
C SER B 307 9.33 -12.71 -20.13
N GLY B 308 9.25 -12.33 -18.85
CA GLY B 308 10.31 -12.66 -17.92
C GLY B 308 11.29 -11.52 -17.89
N SER B 309 12.32 -11.61 -17.05
CA SER B 309 13.30 -10.54 -16.96
C SER B 309 14.70 -11.04 -17.28
N SER B 310 15.67 -10.15 -17.15
CA SER B 310 17.07 -10.47 -17.39
C SER B 310 17.85 -10.09 -16.13
N LEU B 311 17.12 -9.96 -15.03
CA LEU B 311 17.68 -9.57 -13.74
C LEU B 311 18.44 -10.71 -13.03
N THR B 312 19.49 -10.34 -12.30
CA THR B 312 20.27 -11.30 -11.52
C THR B 312 20.06 -10.90 -10.06
N MET B 313 20.18 -11.84 -9.13
CA MET B 313 19.96 -11.52 -7.72
C MET B 313 20.79 -10.38 -7.17
N ILE B 314 22.08 -10.32 -7.52
CA ILE B 314 22.93 -9.25 -7.01
C ILE B 314 22.45 -7.90 -7.54
N GLU B 315 21.96 -7.88 -8.78
CA GLU B 315 21.46 -6.63 -9.36
C GLU B 315 20.16 -6.24 -8.65
N GLY B 316 19.38 -7.25 -8.26
CA GLY B 316 18.12 -6.99 -7.56
C GLY B 316 18.41 -6.42 -6.19
N VAL B 317 19.41 -6.99 -5.51
CA VAL B 317 19.79 -6.50 -4.20
C VAL B 317 20.18 -5.02 -4.33
N ARG B 318 21.06 -4.74 -5.28
CA ARG B 318 21.52 -3.38 -5.54
C ARG B 318 20.37 -2.41 -5.78
N ASN B 319 19.43 -2.78 -6.65
CA ASN B 319 18.30 -1.89 -6.95
C ASN B 319 17.43 -1.61 -5.75
N LEU B 320 17.18 -2.63 -4.93
CA LEU B 320 16.36 -2.45 -3.74
C LEU B 320 17.02 -1.46 -2.78
N VAL B 321 18.34 -1.52 -2.66
CA VAL B 321 19.07 -0.61 -1.78
C VAL B 321 19.11 0.81 -2.34
N GLU B 322 19.53 0.95 -3.60
CA GLU B 322 19.67 2.26 -4.22
C GLU B 322 18.37 2.97 -4.62
N HIS B 323 17.33 2.21 -4.95
CA HIS B 323 16.07 2.82 -5.40
C HIS B 323 14.86 2.67 -4.51
N CYS B 324 14.89 1.71 -3.60
CA CYS B 324 13.73 1.47 -2.74
C CYS B 324 13.91 1.87 -1.28
N GLY B 325 15.04 2.46 -0.95
CA GLY B 325 15.28 2.90 0.42
C GLY B 325 15.22 1.82 1.48
N ILE B 326 15.63 0.61 1.13
CA ILE B 326 15.63 -0.49 2.09
C ILE B 326 17.08 -0.76 2.52
N ALA B 327 17.29 -0.88 3.82
CA ALA B 327 18.63 -1.12 4.36
C ALA B 327 19.25 -2.39 3.78
N LEU B 328 20.56 -2.38 3.59
CA LEU B 328 21.25 -3.53 3.03
C LEU B 328 20.94 -4.81 3.76
N ASP B 329 20.99 -4.78 5.09
CA ASP B 329 20.73 -6.00 5.85
C ASP B 329 19.32 -6.52 5.62
N GLU B 330 18.36 -5.62 5.48
CA GLU B 330 16.98 -6.06 5.24
C GLU B 330 16.86 -6.59 3.81
N VAL B 331 17.57 -5.97 2.88
CA VAL B 331 17.54 -6.41 1.48
C VAL B 331 18.16 -7.81 1.36
N LEU B 332 19.25 -8.01 2.09
CA LEU B 332 19.92 -9.30 2.07
C LEU B 332 18.96 -10.37 2.55
N ARG B 333 18.14 -10.04 3.56
CA ARG B 333 17.17 -11.01 4.08
C ARG B 333 16.10 -11.34 3.03
N MET B 334 15.72 -10.34 2.22
CA MET B 334 14.73 -10.54 1.17
C MET B 334 15.23 -11.52 0.09
N ALA B 335 16.56 -11.66 0.00
CA ALA B 335 17.17 -12.55 -0.98
C ALA B 335 17.71 -13.84 -0.37
N THR B 336 17.59 -13.98 0.96
CA THR B 336 18.10 -15.17 1.62
C THR B 336 17.13 -15.80 2.63
N LEU B 337 17.12 -15.23 3.84
CA LEU B 337 16.28 -15.72 4.94
C LEU B 337 14.78 -15.79 4.64
N TYR B 338 14.23 -14.73 4.06
CA TYR B 338 12.81 -14.72 3.75
C TYR B 338 12.39 -15.78 2.73
N PRO B 339 13.03 -15.81 1.56
CA PRO B 339 12.62 -16.85 0.61
C PRO B 339 12.88 -18.25 1.17
N ALA B 340 13.90 -18.36 2.02
CA ALA B 340 14.22 -19.64 2.64
C ALA B 340 13.09 -20.10 3.55
N ARG B 341 12.54 -19.17 4.33
CA ARG B 341 11.45 -19.53 5.24
C ARG B 341 10.15 -19.79 4.46
N ALA B 342 9.95 -19.06 3.38
CA ALA B 342 8.75 -19.22 2.56
C ALA B 342 8.64 -20.64 2.01
N ILE B 343 9.77 -21.26 1.65
CA ILE B 343 9.75 -22.61 1.10
C ILE B 343 10.19 -23.72 2.08
N GLY B 344 10.34 -23.36 3.36
CA GLY B 344 10.69 -24.32 4.38
C GLY B 344 12.10 -24.88 4.42
N VAL B 345 13.09 -24.13 3.97
CA VAL B 345 14.46 -24.61 4.00
C VAL B 345 15.37 -23.81 4.95
N GLU B 346 14.77 -23.01 5.83
CA GLU B 346 15.55 -22.19 6.76
C GLU B 346 16.36 -22.95 7.81
N LYS B 347 16.07 -24.24 7.98
CA LYS B 347 16.80 -25.03 8.95
C LYS B 347 18.20 -25.35 8.43
N ARG B 348 18.41 -25.15 7.13
CA ARG B 348 19.71 -25.44 6.51
C ARG B 348 20.32 -24.31 5.67
N LEU B 349 19.49 -23.34 5.28
CA LEU B 349 19.96 -22.22 4.47
C LEU B 349 19.32 -20.91 4.88
N GLY B 350 19.89 -19.79 4.43
CA GLY B 350 19.30 -18.51 4.77
C GLY B 350 20.07 -17.63 5.74
N THR B 351 20.90 -18.25 6.58
CA THR B 351 21.68 -17.49 7.55
C THR B 351 23.09 -18.06 7.67
N LEU B 352 23.96 -17.30 8.31
CA LEU B 352 25.34 -17.71 8.54
C LEU B 352 25.39 -18.10 10.01
N ALA B 353 25.18 -19.37 10.29
CA ALA B 353 25.20 -19.89 11.65
C ALA B 353 25.77 -21.31 11.63
N ALA B 354 26.17 -21.81 12.78
CA ALA B 354 26.74 -23.14 12.89
C ALA B 354 25.74 -24.23 12.50
N GLY B 355 26.15 -25.12 11.60
CA GLY B 355 25.28 -26.19 11.17
C GLY B 355 24.66 -25.98 9.80
N LYS B 356 24.44 -24.72 9.44
CA LYS B 356 23.85 -24.39 8.15
C LYS B 356 24.78 -24.81 7.02
N VAL B 357 24.20 -25.05 5.84
CA VAL B 357 24.98 -25.43 4.67
C VAL B 357 25.93 -24.29 4.37
N ALA B 358 27.11 -24.61 3.83
CA ALA B 358 28.10 -23.59 3.51
C ALA B 358 27.89 -23.01 2.11
N ASN B 359 26.83 -22.22 1.98
CA ASN B 359 26.50 -21.57 0.71
C ASN B 359 26.59 -20.08 1.00
N LEU B 360 27.53 -19.40 0.37
CA LEU B 360 27.70 -17.98 0.60
C LEU B 360 28.18 -17.24 -0.64
N THR B 361 28.14 -15.92 -0.56
CA THR B 361 28.60 -15.08 -1.65
C THR B 361 29.16 -13.81 -1.02
N ALA B 362 30.18 -13.24 -1.64
CA ALA B 362 30.80 -12.04 -1.12
C ALA B 362 30.83 -10.98 -2.21
N PHE B 363 30.56 -9.74 -1.84
CA PHE B 363 30.56 -8.65 -2.81
C PHE B 363 31.09 -7.37 -2.18
N THR B 364 31.58 -6.47 -3.03
CA THR B 364 32.14 -5.21 -2.58
C THR B 364 31.07 -4.13 -2.56
N PRO B 365 31.34 -3.00 -1.89
CA PRO B 365 30.37 -1.92 -1.81
C PRO B 365 29.74 -1.54 -3.15
N ASP B 366 30.40 -1.85 -4.26
CA ASP B 366 29.86 -1.53 -5.57
C ASP B 366 29.00 -2.68 -6.11
N PHE B 367 28.68 -3.62 -5.22
CA PHE B 367 27.85 -4.77 -5.57
C PHE B 367 28.41 -5.68 -6.66
N LYS B 368 29.70 -5.91 -6.62
CA LYS B 368 30.36 -6.79 -7.59
C LYS B 368 30.76 -8.04 -6.82
N ILE B 369 30.41 -9.21 -7.35
CA ILE B 369 30.73 -10.46 -6.67
C ILE B 369 32.23 -10.75 -6.68
N THR B 370 32.75 -11.15 -5.51
CA THR B 370 34.17 -11.48 -5.38
C THR B 370 34.33 -12.96 -5.06
N LYS B 371 33.29 -13.54 -4.46
CA LYS B 371 33.30 -14.95 -4.11
C LYS B 371 31.90 -15.54 -4.07
N THR B 372 31.82 -16.83 -4.33
CA THR B 372 30.56 -17.57 -4.28
C THR B 372 30.96 -18.97 -3.83
N ILE B 373 30.34 -19.42 -2.74
CA ILE B 373 30.67 -20.72 -2.16
C ILE B 373 29.46 -21.64 -2.08
N VAL B 374 29.60 -22.83 -2.66
CA VAL B 374 28.55 -23.84 -2.66
C VAL B 374 29.07 -25.06 -1.94
N ASN B 375 28.37 -25.50 -0.90
CA ASN B 375 28.78 -26.66 -0.12
C ASN B 375 30.24 -26.51 0.31
N GLY B 376 30.60 -25.32 0.77
CA GLY B 376 31.95 -25.06 1.23
C GLY B 376 33.01 -24.88 0.14
N ASN B 377 32.63 -25.09 -1.11
CA ASN B 377 33.55 -24.97 -2.24
C ASN B 377 33.44 -23.60 -2.90
N GLU B 378 34.58 -22.94 -3.12
CA GLU B 378 34.56 -21.62 -3.75
C GLU B 378 34.47 -21.77 -5.27
N VAL B 379 33.25 -21.71 -5.79
CA VAL B 379 33.03 -21.86 -7.24
C VAL B 379 33.26 -20.58 -8.02
N VAL B 380 33.25 -19.45 -7.34
CA VAL B 380 33.48 -18.17 -7.99
C VAL B 380 34.56 -17.38 -7.24
N THR B 381 35.51 -16.84 -7.99
CA THR B 381 36.61 -16.07 -7.42
C THR B 381 36.93 -14.91 -8.36
N GLN B 382 36.55 -13.71 -7.94
CA GLN B 382 36.78 -12.51 -8.74
C GLN B 382 37.47 -11.46 -7.88
#